data_8SKX
#
_entry.id   8SKX
#
_entity_poly.entity_id   1
_entity_poly.type   'polypeptide(L)'
_entity_poly.pdbx_seq_one_letter_code
;MGSSHHHHHHSSGLVPRGSHMNEKVEKIVEELLRRGYSEEDIRRYLKKQGIDDREVDRAIKKVG
;
_entity_poly.pdbx_strand_id   A
#
# COMPACT_ATOMS: atom_id res chain seq x y z
N MET A 1 -30.35 23.41 -33.48
CA MET A 1 -29.18 23.73 -32.65
C MET A 1 -28.93 22.57 -31.67
N GLY A 2 -27.81 21.86 -31.88
CA GLY A 2 -27.49 20.66 -31.10
C GLY A 2 -27.06 20.97 -29.67
N SER A 3 -28.03 20.95 -28.74
CA SER A 3 -27.82 21.22 -27.31
C SER A 3 -28.28 20.01 -26.47
N SER A 4 -27.30 19.22 -25.99
CA SER A 4 -27.56 18.00 -25.21
C SER A 4 -26.65 17.95 -23.98
N HIS A 5 -27.19 17.44 -22.86
CA HIS A 5 -26.40 17.13 -21.64
C HIS A 5 -26.58 15.64 -21.33
N HIS A 6 -26.07 14.78 -22.23
CA HIS A 6 -26.23 13.31 -22.15
C HIS A 6 -25.54 12.75 -20.89
N HIS A 7 -26.03 11.60 -20.42
CA HIS A 7 -25.55 10.99 -19.17
C HIS A 7 -24.19 10.28 -19.39
N HIS A 8 -23.21 10.59 -18.51
CA HIS A 8 -21.94 9.85 -18.47
C HIS A 8 -22.16 8.50 -17.74
N HIS A 9 -22.35 7.44 -18.54
CA HIS A 9 -22.68 6.09 -18.06
C HIS A 9 -21.40 5.24 -17.93
N HIS A 10 -21.21 4.60 -16.76
CA HIS A 10 -20.00 3.81 -16.43
C HIS A 10 -18.74 4.67 -16.57
N SER A 11 -18.53 5.56 -15.60
CA SER A 11 -17.41 6.50 -15.59
C SER A 11 -17.12 6.93 -14.14
N SER A 12 -15.84 6.86 -13.75
CA SER A 12 -15.37 7.37 -12.45
C SER A 12 -15.34 8.91 -12.46
N GLY A 13 -15.21 9.53 -11.28
CA GLY A 13 -15.16 10.98 -11.16
C GLY A 13 -13.81 11.57 -11.57
N LEU A 14 -13.35 12.58 -10.83
CA LEU A 14 -12.06 13.26 -11.10
C LEU A 14 -11.49 13.80 -9.79
N VAL A 15 -10.16 14.01 -9.77
CA VAL A 15 -9.46 14.61 -8.62
C VAL A 15 -9.08 16.07 -8.98
N PRO A 16 -9.96 17.09 -8.65
CA PRO A 16 -9.71 18.51 -9.02
C PRO A 16 -8.71 19.21 -8.08
N ARG A 17 -8.27 18.49 -7.04
CA ARG A 17 -7.27 18.97 -6.08
C ARG A 17 -5.90 18.34 -6.39
N GLY A 18 -4.83 18.87 -5.75
CA GLY A 18 -3.50 18.26 -5.82
C GLY A 18 -3.48 16.89 -5.16
N SER A 19 -2.93 15.89 -5.86
CA SER A 19 -2.92 14.50 -5.38
C SER A 19 -1.76 14.26 -4.39
N HIS A 20 -2.11 14.00 -3.12
CA HIS A 20 -1.15 13.63 -2.06
C HIS A 20 -0.62 12.22 -2.34
N MET A 21 0.68 11.94 -2.09
CA MET A 21 1.32 10.66 -2.51
C MET A 21 0.77 9.42 -1.79
N ASN A 22 -0.08 9.61 -0.74
CA ASN A 22 -0.87 8.50 -0.15
C ASN A 22 -1.77 7.85 -1.22
N GLU A 23 -2.31 8.66 -2.14
CA GLU A 23 -3.11 8.19 -3.30
C GLU A 23 -2.41 7.02 -4.04
N LYS A 24 -1.07 7.13 -4.16
CA LYS A 24 -0.23 6.08 -4.77
C LYS A 24 0.03 4.91 -3.80
N VAL A 25 0.23 5.21 -2.49
CA VAL A 25 0.53 4.17 -1.46
C VAL A 25 -0.70 3.23 -1.28
N GLU A 26 -1.87 3.85 -1.05
CA GLU A 26 -3.17 3.16 -0.92
C GLU A 26 -3.48 2.32 -2.18
N LYS A 27 -3.08 2.86 -3.34
CA LYS A 27 -3.24 2.17 -4.64
C LYS A 27 -2.41 0.87 -4.69
N ILE A 28 -1.08 1.00 -4.47
CA ILE A 28 -0.12 -0.09 -4.69
C ILE A 28 -0.28 -1.22 -3.64
N VAL A 29 -0.72 -0.86 -2.42
CA VAL A 29 -0.98 -1.85 -1.36
C VAL A 29 -2.29 -2.63 -1.66
N GLU A 30 -3.33 -1.89 -2.08
CA GLU A 30 -4.65 -2.48 -2.40
C GLU A 30 -4.55 -3.37 -3.65
N GLU A 31 -3.62 -3.01 -4.56
CA GLU A 31 -3.42 -3.67 -5.87
C GLU A 31 -3.28 -5.21 -5.74
N LEU A 32 -2.39 -5.67 -4.85
CA LEU A 32 -2.17 -7.13 -4.62
C LEU A 32 -3.31 -7.76 -3.78
N LEU A 33 -3.83 -7.04 -2.75
CA LEU A 33 -4.97 -7.54 -1.93
C LEU A 33 -6.23 -7.81 -2.80
N ARG A 34 -6.42 -6.93 -3.80
CA ARG A 34 -7.63 -6.87 -4.64
C ARG A 34 -7.75 -8.11 -5.55
N ARG A 35 -6.60 -8.75 -5.82
CA ARG A 35 -6.49 -9.92 -6.70
C ARG A 35 -6.71 -11.24 -5.95
N GLY A 36 -7.08 -11.15 -4.66
CA GLY A 36 -7.39 -12.32 -3.83
C GLY A 36 -6.15 -13.06 -3.34
N TYR A 37 -5.04 -12.32 -3.15
CA TYR A 37 -3.81 -12.86 -2.52
C TYR A 37 -4.08 -13.14 -1.03
N SER A 38 -3.45 -14.21 -0.50
CA SER A 38 -3.48 -14.51 0.93
C SER A 38 -2.51 -13.58 1.67
N GLU A 39 -2.84 -13.25 2.94
CA GLU A 39 -2.12 -12.26 3.76
C GLU A 39 -0.65 -12.67 4.01
N GLU A 40 -0.37 -14.00 3.89
CA GLU A 40 0.98 -14.56 3.99
C GLU A 40 1.89 -13.89 2.93
N ASP A 41 1.54 -14.06 1.64
CA ASP A 41 2.35 -13.54 0.51
C ASP A 41 2.35 -12.01 0.51
N ILE A 42 1.18 -11.42 0.88
CA ILE A 42 0.99 -9.96 0.97
C ILE A 42 2.03 -9.31 1.89
N ARG A 43 1.97 -9.66 3.18
CA ARG A 43 2.82 -9.06 4.22
C ARG A 43 4.29 -9.42 3.99
N ARG A 44 4.56 -10.66 3.53
CA ARG A 44 5.92 -11.13 3.21
C ARG A 44 6.57 -10.24 2.13
N TYR A 45 5.77 -9.90 1.11
CA TYR A 45 6.23 -9.12 -0.05
C TYR A 45 6.51 -7.68 0.36
N LEU A 46 5.51 -7.07 1.01
CA LEU A 46 5.50 -5.63 1.32
C LEU A 46 6.56 -5.25 2.35
N LYS A 47 6.75 -6.09 3.37
CA LYS A 47 7.79 -5.89 4.40
C LYS A 47 9.19 -5.91 3.76
N LYS A 48 9.36 -6.77 2.74
CA LYS A 48 10.60 -6.88 1.95
C LYS A 48 10.75 -5.65 1.01
N GLN A 49 9.60 -5.16 0.50
CA GLN A 49 9.53 -4.03 -0.47
C GLN A 49 9.80 -2.66 0.20
N GLY A 50 9.95 -2.65 1.54
CA GLY A 50 10.25 -1.43 2.29
C GLY A 50 8.98 -0.75 2.81
N ILE A 51 7.89 -1.50 2.85
CA ILE A 51 6.61 -1.09 3.47
C ILE A 51 6.50 -1.77 4.84
N ASP A 52 6.63 -0.98 5.91
CA ASP A 52 6.64 -1.46 7.31
C ASP A 52 5.30 -2.15 7.67
N ASP A 53 5.32 -3.06 8.67
CA ASP A 53 4.12 -3.81 9.11
C ASP A 53 3.00 -2.86 9.60
N ARG A 54 3.42 -1.73 10.23
CA ARG A 54 2.53 -0.67 10.69
C ARG A 54 1.99 0.15 9.50
N GLU A 55 2.87 0.37 8.49
CA GLU A 55 2.56 1.18 7.28
C GLU A 55 1.43 0.52 6.46
N VAL A 56 1.61 -0.77 6.13
CA VAL A 56 0.61 -1.56 5.40
C VAL A 56 -0.68 -1.67 6.22
N ASP A 57 -0.56 -1.97 7.54
CA ASP A 57 -1.73 -2.16 8.44
C ASP A 57 -2.57 -0.87 8.56
N ARG A 58 -1.88 0.27 8.48
CA ARG A 58 -2.50 1.60 8.47
C ARG A 58 -3.23 1.85 7.14
N ALA A 59 -2.62 1.41 6.04
CA ALA A 59 -3.20 1.55 4.69
C ALA A 59 -4.44 0.64 4.52
N ILE A 60 -4.44 -0.51 5.21
CA ILE A 60 -5.59 -1.45 5.22
C ILE A 60 -6.69 -0.90 6.15
N LYS A 61 -6.27 -0.12 7.16
CA LYS A 61 -7.18 0.59 8.07
C LYS A 61 -7.84 1.80 7.36
N LYS A 62 -7.09 2.40 6.41
CA LYS A 62 -7.56 3.57 5.64
C LYS A 62 -8.69 3.17 4.68
N VAL A 63 -8.49 2.07 3.93
CA VAL A 63 -9.54 1.50 3.06
C VAL A 63 -10.68 0.91 3.94
N GLY A 64 -10.29 0.40 5.14
CA GLY A 64 -11.23 -0.07 6.16
C GLY A 64 -11.86 -1.43 5.86
N MET A 1 -20.29 -28.79 -24.41
CA MET A 1 -18.98 -28.17 -24.72
C MET A 1 -19.13 -26.65 -24.78
N GLY A 2 -18.48 -25.95 -23.82
CA GLY A 2 -18.52 -24.49 -23.76
C GLY A 2 -18.03 -23.96 -22.42
N SER A 3 -17.58 -22.69 -22.42
CA SER A 3 -17.15 -21.98 -21.20
C SER A 3 -18.39 -21.53 -20.39
N SER A 4 -18.98 -22.50 -19.66
CA SER A 4 -20.14 -22.27 -18.79
C SER A 4 -19.70 -21.61 -17.46
N HIS A 5 -18.38 -21.66 -17.18
CA HIS A 5 -17.79 -21.02 -16.01
C HIS A 5 -17.68 -19.50 -16.24
N HIS A 6 -18.74 -18.78 -15.85
CA HIS A 6 -18.81 -17.31 -15.90
C HIS A 6 -18.47 -16.72 -14.51
N HIS A 7 -18.47 -15.37 -14.42
CA HIS A 7 -18.21 -14.65 -13.14
C HIS A 7 -18.64 -13.18 -13.25
N HIS A 8 -19.13 -12.64 -12.12
CA HIS A 8 -19.53 -11.22 -11.98
C HIS A 8 -19.58 -10.86 -10.48
N HIS A 9 -18.93 -9.75 -10.10
CA HIS A 9 -18.93 -9.25 -8.72
C HIS A 9 -18.75 -7.72 -8.76
N HIS A 10 -19.87 -6.97 -8.63
CA HIS A 10 -19.84 -5.50 -8.58
C HIS A 10 -19.20 -5.02 -7.26
N SER A 11 -17.87 -4.85 -7.29
CA SER A 11 -17.07 -4.41 -6.15
C SER A 11 -16.98 -2.88 -6.15
N SER A 12 -17.80 -2.23 -5.32
CA SER A 12 -17.86 -0.76 -5.23
C SER A 12 -16.78 -0.23 -4.28
N GLY A 13 -16.01 0.76 -4.76
CA GLY A 13 -14.91 1.36 -3.97
C GLY A 13 -14.82 2.86 -4.19
N LEU A 14 -15.99 3.53 -4.19
CA LEU A 14 -16.10 4.98 -4.37
C LEU A 14 -15.83 5.70 -3.03
N VAL A 15 -14.53 5.89 -2.72
CA VAL A 15 -14.06 6.58 -1.50
C VAL A 15 -13.36 7.92 -1.87
N PRO A 16 -14.13 9.07 -1.92
CA PRO A 16 -13.59 10.38 -2.35
C PRO A 16 -12.60 11.01 -1.33
N ARG A 17 -12.65 10.55 -0.07
CA ARG A 17 -11.73 10.99 0.99
C ARG A 17 -10.64 9.93 1.28
N GLY A 18 -10.56 8.88 0.44
CA GLY A 18 -9.63 7.76 0.65
C GLY A 18 -8.16 8.19 0.69
N SER A 19 -7.60 8.48 -0.50
CA SER A 19 -6.21 8.89 -0.65
C SER A 19 -6.03 10.38 -0.26
N HIS A 20 -5.45 10.64 0.94
CA HIS A 20 -5.22 11.99 1.47
C HIS A 20 -3.71 12.27 1.66
N MET A 21 -2.93 11.21 1.95
CA MET A 21 -1.46 11.25 2.16
C MET A 21 -0.92 9.81 2.21
N ASN A 22 0.25 9.58 1.56
CA ASN A 22 0.82 8.23 1.33
C ASN A 22 -0.10 7.43 0.39
N GLU A 23 -0.66 8.19 -0.58
CA GLU A 23 -1.53 7.68 -1.67
C GLU A 23 -0.84 6.56 -2.44
N LYS A 24 0.48 6.72 -2.62
CA LYS A 24 1.32 5.78 -3.37
C LYS A 24 1.35 4.41 -2.67
N VAL A 25 1.46 4.45 -1.34
CA VAL A 25 1.63 3.25 -0.49
C VAL A 25 0.32 2.43 -0.42
N GLU A 26 -0.80 3.13 -0.17
CA GLU A 26 -2.12 2.49 -0.03
C GLU A 26 -2.62 1.92 -1.37
N LYS A 27 -2.18 2.54 -2.48
CA LYS A 27 -2.61 2.15 -3.83
C LYS A 27 -1.85 0.88 -4.27
N ILE A 28 -0.53 0.83 -4.00
CA ILE A 28 0.31 -0.32 -4.40
C ILE A 28 0.03 -1.55 -3.51
N VAL A 29 -0.39 -1.32 -2.24
CA VAL A 29 -0.77 -2.42 -1.33
C VAL A 29 -2.18 -2.94 -1.68
N GLU A 30 -3.04 -2.04 -2.20
CA GLU A 30 -4.36 -2.43 -2.76
C GLU A 30 -4.14 -3.24 -4.05
N GLU A 31 -3.12 -2.85 -4.83
CA GLU A 31 -2.80 -3.49 -6.13
C GLU A 31 -2.34 -4.96 -5.95
N LEU A 32 -1.51 -5.22 -4.91
CA LEU A 32 -1.05 -6.58 -4.60
C LEU A 32 -2.18 -7.40 -3.94
N LEU A 33 -3.01 -6.72 -3.13
CA LEU A 33 -4.22 -7.32 -2.48
C LEU A 33 -5.26 -7.69 -3.57
N ARG A 34 -5.27 -6.91 -4.66
CA ARG A 34 -6.19 -7.06 -5.80
C ARG A 34 -5.89 -8.36 -6.58
N ARG A 35 -4.64 -8.84 -6.43
CA ARG A 35 -4.18 -10.14 -6.99
C ARG A 35 -4.66 -11.33 -6.13
N GLY A 36 -5.56 -11.06 -5.16
CA GLY A 36 -6.17 -12.10 -4.32
C GLY A 36 -5.24 -12.60 -3.22
N TYR A 37 -4.30 -11.75 -2.80
CA TYR A 37 -3.34 -12.06 -1.74
C TYR A 37 -4.04 -12.04 -0.37
N SER A 38 -3.84 -13.10 0.44
CA SER A 38 -4.31 -13.17 1.84
C SER A 38 -3.24 -12.53 2.76
N GLU A 39 -3.52 -12.47 4.08
CA GLU A 39 -2.67 -11.75 5.08
C GLU A 39 -1.16 -12.08 4.97
N GLU A 40 -0.86 -13.39 4.80
CA GLU A 40 0.53 -13.88 4.67
C GLU A 40 1.17 -13.42 3.36
N ASP A 41 0.43 -13.53 2.25
CA ASP A 41 0.92 -13.16 0.89
C ASP A 41 1.19 -11.66 0.80
N ILE A 42 0.27 -10.88 1.40
CA ILE A 42 0.34 -9.40 1.48
C ILE A 42 1.62 -9.00 2.24
N ARG A 43 1.73 -9.50 3.48
CA ARG A 43 2.78 -9.10 4.43
C ARG A 43 4.19 -9.53 3.99
N ARG A 44 4.30 -10.73 3.39
CA ARG A 44 5.56 -11.27 2.86
C ARG A 44 6.02 -10.47 1.62
N TYR A 45 5.05 -10.09 0.76
CA TYR A 45 5.30 -9.32 -0.47
C TYR A 45 5.85 -7.92 -0.12
N LEU A 46 5.09 -7.19 0.72
CA LEU A 46 5.37 -5.78 1.04
C LEU A 46 6.64 -5.63 1.88
N LYS A 47 6.96 -6.65 2.68
CA LYS A 47 8.18 -6.67 3.50
C LYS A 47 9.43 -6.73 2.60
N LYS A 48 9.28 -7.44 1.46
CA LYS A 48 10.33 -7.56 0.43
C LYS A 48 10.32 -6.29 -0.46
N GLN A 49 9.10 -5.72 -0.65
CA GLN A 49 8.85 -4.57 -1.55
C GLN A 49 9.33 -3.25 -0.86
N GLY A 50 9.44 -3.28 0.48
CA GLY A 50 9.94 -2.14 1.26
C GLY A 50 8.85 -1.23 1.82
N ILE A 51 7.61 -1.75 1.93
CA ILE A 51 6.53 -1.09 2.67
C ILE A 51 6.67 -1.45 4.16
N ASP A 52 6.43 -0.46 5.05
CA ASP A 52 6.40 -0.69 6.51
C ASP A 52 5.16 -1.52 6.88
N ASP A 53 5.33 -2.40 7.87
CA ASP A 53 4.23 -3.21 8.44
C ASP A 53 3.17 -2.30 9.09
N ARG A 54 3.61 -1.11 9.52
CA ARG A 54 2.76 -0.09 10.14
C ARG A 54 1.96 0.64 9.04
N GLU A 55 2.61 0.91 7.88
CA GLU A 55 1.98 1.61 6.73
C GLU A 55 0.78 0.81 6.18
N VAL A 56 1.00 -0.50 5.91
CA VAL A 56 -0.07 -1.41 5.45
C VAL A 56 -1.17 -1.56 6.51
N ASP A 57 -0.75 -1.64 7.80
CA ASP A 57 -1.67 -1.76 8.94
C ASP A 57 -2.73 -0.65 8.93
N ARG A 58 -2.26 0.61 8.90
CA ARG A 58 -3.16 1.78 8.96
C ARG A 58 -3.90 2.03 7.63
N ALA A 59 -3.32 1.57 6.49
CA ALA A 59 -3.93 1.70 5.16
C ALA A 59 -5.17 0.80 5.03
N ILE A 60 -5.03 -0.45 5.50
CA ILE A 60 -6.12 -1.45 5.53
C ILE A 60 -7.09 -1.15 6.69
N LYS A 61 -6.59 -0.43 7.74
CA LYS A 61 -7.42 0.06 8.86
C LYS A 61 -8.45 1.11 8.36
N LYS A 62 -8.11 1.79 7.24
CA LYS A 62 -9.00 2.74 6.56
C LYS A 62 -10.07 1.97 5.74
N VAL A 63 -9.59 1.00 4.92
CA VAL A 63 -10.42 0.24 3.96
C VAL A 63 -11.46 -0.64 4.69
N GLY A 64 -10.97 -1.55 5.55
CA GLY A 64 -11.81 -2.50 6.28
C GLY A 64 -11.99 -3.83 5.55
N MET A 1 -1.41 51.86 -8.65
CA MET A 1 -1.84 51.63 -7.25
C MET A 1 -1.91 50.11 -6.98
N GLY A 2 -2.96 49.44 -7.52
CA GLY A 2 -3.16 48.00 -7.35
C GLY A 2 -2.65 47.20 -8.54
N SER A 3 -3.45 46.21 -9.00
CA SER A 3 -3.21 45.42 -10.23
C SER A 3 -1.87 44.63 -10.17
N SER A 4 -1.49 44.19 -8.94
CA SER A 4 -0.24 43.47 -8.67
C SER A 4 -0.23 42.11 -9.40
N HIS A 5 0.56 42.02 -10.50
CA HIS A 5 0.64 40.84 -11.36
C HIS A 5 1.30 39.65 -10.64
N HIS A 6 0.85 38.44 -10.97
CA HIS A 6 1.41 37.18 -10.45
C HIS A 6 2.19 36.47 -11.58
N HIS A 7 3.13 35.61 -11.20
CA HIS A 7 3.88 34.78 -12.15
C HIS A 7 3.30 33.35 -12.18
N HIS A 8 2.54 33.04 -13.24
CA HIS A 8 2.00 31.70 -13.47
C HIS A 8 3.15 30.72 -13.77
N HIS A 9 3.29 29.70 -12.93
CA HIS A 9 4.35 28.69 -13.04
C HIS A 9 3.71 27.28 -13.09
N HIS A 10 4.26 26.43 -13.97
CA HIS A 10 3.80 25.05 -14.14
C HIS A 10 4.86 24.29 -14.97
N SER A 11 5.77 23.60 -14.28
CA SER A 11 6.86 22.82 -14.90
C SER A 11 6.76 21.36 -14.41
N SER A 12 5.66 20.71 -14.80
CA SER A 12 5.39 19.31 -14.48
C SER A 12 6.34 18.38 -15.26
N GLY A 13 7.38 17.89 -14.57
CA GLY A 13 8.39 17.04 -15.20
C GLY A 13 9.39 16.48 -14.19
N LEU A 14 10.65 16.29 -14.64
CA LEU A 14 11.74 15.77 -13.79
C LEU A 14 12.27 16.89 -12.88
N VAL A 15 11.53 17.14 -11.79
CA VAL A 15 11.88 18.10 -10.74
C VAL A 15 11.72 17.38 -9.38
N PRO A 16 12.87 17.12 -8.64
CA PRO A 16 13.02 16.12 -7.53
C PRO A 16 11.71 15.53 -6.96
N ARG A 17 11.15 14.57 -7.73
CA ARG A 17 9.90 13.88 -7.36
C ARG A 17 10.22 12.81 -6.29
N GLY A 18 10.33 13.28 -5.03
CA GLY A 18 10.46 12.40 -3.88
C GLY A 18 9.09 11.95 -3.39
N SER A 19 8.33 11.38 -4.32
CA SER A 19 6.92 11.07 -4.17
C SER A 19 6.72 9.75 -3.40
N HIS A 20 6.61 9.86 -2.07
CA HIS A 20 6.19 8.78 -1.17
C HIS A 20 4.79 9.11 -0.60
N MET A 21 4.08 9.99 -1.34
CA MET A 21 2.75 10.50 -0.95
C MET A 21 1.73 9.35 -0.87
N ASN A 22 0.70 9.55 -0.02
CA ASN A 22 -0.40 8.57 0.18
C ASN A 22 -1.06 8.19 -1.16
N GLU A 23 -1.06 9.15 -2.13
CA GLU A 23 -1.60 8.98 -3.50
C GLU A 23 -1.12 7.66 -4.14
N LYS A 24 0.20 7.47 -4.12
CA LYS A 24 0.86 6.30 -4.72
C LYS A 24 0.67 5.05 -3.84
N VAL A 25 0.64 5.28 -2.52
CA VAL A 25 0.47 4.21 -1.52
C VAL A 25 -0.91 3.54 -1.65
N GLU A 26 -1.94 4.33 -2.02
CA GLU A 26 -3.32 3.83 -2.27
C GLU A 26 -3.33 2.83 -3.43
N LYS A 27 -2.64 3.22 -4.52
CA LYS A 27 -2.60 2.44 -5.77
C LYS A 27 -1.91 1.08 -5.56
N ILE A 28 -0.75 1.12 -4.86
CA ILE A 28 0.10 -0.08 -4.66
C ILE A 28 -0.54 -1.05 -3.64
N VAL A 29 -1.15 -0.51 -2.54
CA VAL A 29 -1.74 -1.34 -1.46
C VAL A 29 -3.00 -2.06 -1.96
N GLU A 30 -3.74 -1.41 -2.88
CA GLU A 30 -4.89 -2.00 -3.56
C GLU A 30 -4.44 -3.11 -4.51
N GLU A 31 -3.31 -2.88 -5.22
CA GLU A 31 -2.82 -3.79 -6.28
C GLU A 31 -2.33 -5.14 -5.69
N LEU A 32 -1.55 -5.10 -4.60
CA LEU A 32 -1.00 -6.33 -3.96
C LEU A 32 -2.10 -7.13 -3.22
N LEU A 33 -3.21 -6.45 -2.84
CA LEU A 33 -4.46 -7.13 -2.38
C LEU A 33 -5.28 -7.64 -3.59
N ARG A 34 -5.17 -6.93 -4.74
CA ARG A 34 -5.94 -7.24 -5.98
C ARG A 34 -5.38 -8.49 -6.69
N ARG A 35 -4.22 -8.97 -6.22
CA ARG A 35 -3.59 -10.21 -6.70
C ARG A 35 -4.36 -11.45 -6.18
N GLY A 36 -5.08 -11.27 -5.06
CA GLY A 36 -5.97 -12.31 -4.52
C GLY A 36 -5.24 -13.46 -3.82
N TYR A 37 -4.06 -13.15 -3.24
CA TYR A 37 -3.29 -14.13 -2.44
C TYR A 37 -3.76 -14.11 -0.97
N SER A 38 -3.22 -15.03 -0.16
CA SER A 38 -3.46 -15.05 1.29
C SER A 38 -2.84 -13.81 1.94
N GLU A 39 -3.43 -13.33 3.06
CA GLU A 39 -3.00 -12.10 3.75
C GLU A 39 -1.53 -12.21 4.18
N GLU A 40 -1.14 -13.38 4.70
CA GLU A 40 0.25 -13.66 5.14
C GLU A 40 1.25 -13.48 3.99
N ASP A 41 0.88 -13.99 2.80
CA ASP A 41 1.71 -13.88 1.57
C ASP A 41 1.85 -12.42 1.12
N ILE A 42 0.72 -11.70 1.15
CA ILE A 42 0.64 -10.28 0.77
C ILE A 42 1.53 -9.41 1.69
N ARG A 43 1.44 -9.68 3.02
CA ARG A 43 2.20 -8.94 4.05
C ARG A 43 3.70 -9.26 3.97
N ARG A 44 4.02 -10.50 3.56
CA ARG A 44 5.40 -10.96 3.34
C ARG A 44 6.01 -10.27 2.09
N TYR A 45 5.16 -10.09 1.06
CA TYR A 45 5.56 -9.47 -0.22
C TYR A 45 5.89 -7.99 -0.02
N LEU A 46 4.97 -7.25 0.64
CA LEU A 46 5.11 -5.80 0.84
C LEU A 46 6.26 -5.49 1.80
N LYS A 47 6.52 -6.40 2.76
CA LYS A 47 7.67 -6.27 3.69
C LYS A 47 8.99 -6.40 2.91
N LYS A 48 9.02 -7.38 1.99
CA LYS A 48 10.15 -7.60 1.07
C LYS A 48 10.27 -6.42 0.06
N GLN A 49 9.12 -5.80 -0.25
CA GLN A 49 9.03 -4.67 -1.20
C GLN A 49 9.56 -3.37 -0.53
N GLY A 50 9.62 -3.36 0.82
CA GLY A 50 10.15 -2.22 1.60
C GLY A 50 9.09 -1.48 2.41
N ILE A 51 7.83 -1.91 2.28
CA ILE A 51 6.71 -1.37 3.08
C ILE A 51 6.73 -1.98 4.50
N ASP A 52 6.60 -1.13 5.52
CA ASP A 52 6.56 -1.57 6.93
C ASP A 52 5.21 -2.21 7.28
N ASP A 53 5.21 -3.02 8.36
CA ASP A 53 4.01 -3.70 8.86
C ASP A 53 2.98 -2.69 9.38
N ARG A 54 3.48 -1.58 9.97
CA ARG A 54 2.64 -0.47 10.47
C ARG A 54 2.20 0.47 9.34
N GLU A 55 3.01 0.56 8.27
CA GLU A 55 2.71 1.40 7.09
C GLU A 55 1.51 0.85 6.32
N VAL A 56 1.44 -0.49 6.19
CA VAL A 56 0.28 -1.16 5.58
C VAL A 56 -0.89 -1.24 6.59
N ASP A 57 -0.56 -1.37 7.90
CA ASP A 57 -1.56 -1.47 8.99
C ASP A 57 -2.48 -0.25 9.01
N ARG A 58 -1.90 0.97 8.88
CA ARG A 58 -2.67 2.24 8.93
C ARG A 58 -3.55 2.44 7.68
N ALA A 59 -3.12 1.86 6.54
CA ALA A 59 -3.87 1.89 5.27
C ALA A 59 -5.11 0.99 5.39
N ILE A 60 -4.93 -0.18 6.02
CA ILE A 60 -5.99 -1.15 6.30
C ILE A 60 -6.85 -0.67 7.49
N LYS A 61 -6.25 0.12 8.40
CA LYS A 61 -6.92 0.66 9.61
C LYS A 61 -7.91 1.75 9.21
N LYS A 62 -7.62 2.40 8.07
CA LYS A 62 -8.49 3.40 7.46
C LYS A 62 -9.74 2.71 6.87
N VAL A 63 -9.54 1.57 6.19
CA VAL A 63 -10.60 0.88 5.41
C VAL A 63 -11.26 -0.28 6.19
N GLY A 64 -10.78 -0.56 7.42
CA GLY A 64 -11.32 -1.65 8.24
C GLY A 64 -10.53 -1.84 9.54
N MET A 1 -11.34 -26.82 10.92
CA MET A 1 -12.80 -26.72 10.75
C MET A 1 -13.29 -25.34 11.25
N GLY A 2 -14.29 -24.77 10.56
CA GLY A 2 -14.88 -23.48 10.92
C GLY A 2 -15.02 -22.55 9.73
N SER A 3 -15.28 -21.26 10.01
CA SER A 3 -15.45 -20.22 8.97
C SER A 3 -15.15 -18.83 9.55
N SER A 4 -14.64 -17.93 8.70
CA SER A 4 -14.42 -16.53 9.06
C SER A 4 -15.77 -15.79 9.00
N HIS A 5 -16.43 -15.67 10.17
CA HIS A 5 -17.77 -15.10 10.30
C HIS A 5 -17.77 -13.60 9.95
N HIS A 6 -18.27 -13.28 8.74
CA HIS A 6 -18.36 -11.90 8.22
C HIS A 6 -19.83 -11.42 8.21
N HIS A 7 -20.19 -10.52 7.24
CA HIS A 7 -21.52 -9.86 7.11
C HIS A 7 -21.65 -8.71 8.14
N HIS A 8 -20.50 -8.25 8.65
CA HIS A 8 -20.40 -7.10 9.57
C HIS A 8 -19.40 -6.09 8.96
N HIS A 9 -19.91 -5.14 8.14
CA HIS A 9 -19.05 -4.15 7.47
C HIS A 9 -18.54 -3.11 8.48
N HIS A 10 -17.27 -2.70 8.32
CA HIS A 10 -16.66 -1.65 9.14
C HIS A 10 -17.18 -0.27 8.72
N SER A 11 -17.14 0.70 9.64
CA SER A 11 -17.52 2.09 9.37
C SER A 11 -16.44 2.80 8.55
N SER A 12 -16.86 3.76 7.72
CA SER A 12 -15.96 4.59 6.90
C SER A 12 -16.46 6.04 6.91
N GLY A 13 -16.34 6.67 8.10
CA GLY A 13 -16.76 8.05 8.30
C GLY A 13 -15.82 9.03 7.61
N LEU A 14 -16.39 9.92 6.77
CA LEU A 14 -15.63 10.94 6.03
C LEU A 14 -15.22 12.07 6.98
N VAL A 15 -14.12 11.86 7.71
CA VAL A 15 -13.53 12.87 8.60
C VAL A 15 -12.45 13.65 7.83
N PRO A 16 -12.70 14.96 7.50
CA PRO A 16 -11.72 15.83 6.81
C PRO A 16 -10.62 16.34 7.76
N ARG A 17 -9.91 17.41 7.35
CA ARG A 17 -8.80 18.06 8.09
C ARG A 17 -7.55 17.17 8.07
N GLY A 18 -7.62 16.02 8.77
CA GLY A 18 -6.59 14.98 8.74
C GLY A 18 -7.09 13.75 8.02
N SER A 19 -6.58 12.57 8.44
CA SER A 19 -7.03 11.24 7.98
C SER A 19 -6.70 10.95 6.49
N HIS A 20 -5.88 11.83 5.87
CA HIS A 20 -5.50 11.70 4.46
C HIS A 20 -4.48 10.57 4.27
N MET A 21 -4.90 9.49 3.61
CA MET A 21 -4.01 8.42 3.14
C MET A 21 -3.46 8.80 1.75
N ASN A 22 -2.14 8.61 1.55
CA ASN A 22 -1.45 9.01 0.33
C ASN A 22 -1.89 8.14 -0.87
N GLU A 23 -2.47 8.77 -1.92
CA GLU A 23 -3.00 8.06 -3.11
C GLU A 23 -1.96 7.16 -3.80
N LYS A 24 -0.69 7.54 -3.68
CA LYS A 24 0.45 6.76 -4.18
C LYS A 24 0.50 5.38 -3.47
N VAL A 25 0.47 5.44 -2.13
CA VAL A 25 0.54 4.25 -1.26
C VAL A 25 -0.75 3.41 -1.42
N GLU A 26 -1.89 4.11 -1.52
CA GLU A 26 -3.22 3.51 -1.69
C GLU A 26 -3.28 2.61 -2.91
N LYS A 27 -2.77 3.12 -4.05
CA LYS A 27 -2.85 2.44 -5.34
C LYS A 27 -1.98 1.17 -5.33
N ILE A 28 -0.71 1.34 -4.88
CA ILE A 28 0.30 0.24 -4.92
C ILE A 28 -0.04 -0.91 -3.95
N VAL A 29 -0.59 -0.57 -2.75
CA VAL A 29 -0.92 -1.58 -1.74
C VAL A 29 -2.19 -2.34 -2.15
N GLU A 30 -3.17 -1.60 -2.74
CA GLU A 30 -4.39 -2.19 -3.28
C GLU A 30 -4.04 -3.14 -4.43
N GLU A 31 -3.05 -2.74 -5.25
CA GLU A 31 -2.62 -3.49 -6.45
C GLU A 31 -2.11 -4.91 -6.09
N LEU A 32 -1.17 -4.98 -5.13
CA LEU A 32 -0.56 -6.25 -4.69
C LEU A 32 -1.57 -7.11 -3.89
N LEU A 33 -2.54 -6.43 -3.24
CA LEU A 33 -3.60 -7.07 -2.44
C LEU A 33 -4.75 -7.56 -3.36
N ARG A 34 -4.90 -6.89 -4.52
CA ARG A 34 -6.00 -7.12 -5.50
C ARG A 34 -5.87 -8.50 -6.18
N ARG A 35 -4.66 -9.09 -6.06
CA ARG A 35 -4.32 -10.37 -6.70
C ARG A 35 -5.03 -11.57 -6.03
N GLY A 36 -5.73 -11.30 -4.91
CA GLY A 36 -6.63 -12.29 -4.29
C GLY A 36 -5.92 -13.31 -3.39
N TYR A 37 -4.70 -12.96 -2.92
CA TYR A 37 -3.92 -13.82 -2.01
C TYR A 37 -4.39 -13.65 -0.56
N SER A 38 -3.94 -14.58 0.30
CA SER A 38 -4.17 -14.50 1.75
C SER A 38 -3.12 -13.56 2.38
N GLU A 39 -3.38 -13.09 3.63
CA GLU A 39 -2.51 -12.11 4.34
C GLU A 39 -1.08 -12.64 4.50
N GLU A 40 -0.92 -13.97 4.53
CA GLU A 40 0.40 -14.63 4.60
C GLU A 40 1.33 -14.19 3.44
N ASP A 41 0.77 -14.17 2.22
CA ASP A 41 1.50 -13.85 0.99
C ASP A 41 1.60 -12.34 0.79
N ILE A 42 0.53 -11.62 1.18
CA ILE A 42 0.46 -10.15 1.07
C ILE A 42 1.51 -9.47 1.96
N ARG A 43 1.59 -9.92 3.23
CA ARG A 43 2.56 -9.43 4.23
C ARG A 43 4.00 -9.74 3.80
N ARG A 44 4.19 -10.93 3.22
CA ARG A 44 5.49 -11.38 2.69
C ARG A 44 5.92 -10.50 1.49
N TYR A 45 4.93 -10.09 0.66
CA TYR A 45 5.16 -9.19 -0.48
C TYR A 45 5.62 -7.81 0.04
N LEU A 46 4.86 -7.28 1.01
CA LEU A 46 5.12 -5.97 1.67
C LEU A 46 6.51 -5.93 2.33
N LYS A 47 6.89 -7.07 2.92
CA LYS A 47 8.16 -7.23 3.62
C LYS A 47 9.34 -7.05 2.63
N LYS A 48 9.24 -7.75 1.49
CA LYS A 48 10.27 -7.74 0.43
C LYS A 48 10.21 -6.40 -0.35
N GLN A 49 8.99 -5.82 -0.41
CA GLN A 49 8.73 -4.53 -1.09
C GLN A 49 9.39 -3.38 -0.29
N GLY A 50 9.59 -3.60 1.01
CA GLY A 50 10.12 -2.57 1.91
C GLY A 50 9.03 -1.64 2.42
N ILE A 51 7.75 -1.97 2.14
CA ILE A 51 6.59 -1.20 2.63
C ILE A 51 6.44 -1.41 4.15
N ASP A 52 6.41 -0.28 4.88
CA ASP A 52 6.39 -0.23 6.35
C ASP A 52 5.16 -0.98 6.92
N ASP A 53 5.41 -1.97 7.80
CA ASP A 53 4.36 -2.87 8.34
C ASP A 53 3.34 -2.11 9.22
N ARG A 54 3.80 -1.07 9.93
CA ARG A 54 2.94 -0.25 10.80
C ARG A 54 2.10 0.72 9.96
N GLU A 55 2.67 1.20 8.84
CA GLU A 55 2.01 2.18 7.95
C GLU A 55 0.93 1.49 7.10
N VAL A 56 1.22 0.28 6.61
CA VAL A 56 0.25 -0.52 5.84
C VAL A 56 -0.88 -1.01 6.77
N ASP A 57 -0.55 -1.23 8.05
CA ASP A 57 -1.55 -1.64 9.06
C ASP A 57 -2.60 -0.53 9.30
N ARG A 58 -2.12 0.72 9.56
CA ARG A 58 -2.98 1.89 9.82
C ARG A 58 -3.77 2.29 8.55
N ALA A 59 -3.19 2.02 7.36
CA ALA A 59 -3.84 2.27 6.05
C ALA A 59 -5.05 1.33 5.88
N ILE A 60 -4.78 0.02 6.01
CA ILE A 60 -5.78 -1.07 5.88
C ILE A 60 -6.79 -1.05 7.06
N LYS A 61 -6.43 -0.36 8.16
CA LYS A 61 -7.34 -0.16 9.30
C LYS A 61 -8.55 0.72 8.88
N LYS A 62 -8.33 1.64 7.91
CA LYS A 62 -9.41 2.49 7.34
C LYS A 62 -10.01 1.85 6.07
N VAL A 63 -9.13 1.45 5.13
CA VAL A 63 -9.55 1.10 3.76
C VAL A 63 -9.86 -0.40 3.58
N GLY A 64 -9.26 -1.23 4.44
CA GLY A 64 -9.41 -2.69 4.38
C GLY A 64 -10.64 -3.15 5.16
N MET A 1 14.93 -21.47 16.24
CA MET A 1 14.01 -20.42 16.75
C MET A 1 14.48 -19.02 16.32
N GLY A 2 13.60 -18.03 16.54
CA GLY A 2 13.88 -16.64 16.20
C GLY A 2 12.80 -15.71 16.74
N SER A 3 12.34 -14.74 15.92
CA SER A 3 11.23 -13.85 16.27
C SER A 3 9.89 -14.58 16.04
N SER A 4 9.43 -15.31 17.07
CA SER A 4 8.14 -16.05 17.04
C SER A 4 6.93 -15.08 16.96
N HIS A 5 7.14 -13.86 17.49
CA HIS A 5 6.18 -12.75 17.39
C HIS A 5 6.93 -11.48 16.93
N HIS A 6 6.21 -10.57 16.26
CA HIS A 6 6.79 -9.33 15.70
C HIS A 6 6.46 -8.13 16.62
N HIS A 7 7.34 -7.86 17.60
CA HIS A 7 7.21 -6.68 18.48
C HIS A 7 7.75 -5.44 17.77
N HIS A 8 6.85 -4.47 17.46
CA HIS A 8 7.26 -3.16 16.90
C HIS A 8 8.05 -2.39 17.98
N HIS A 9 9.38 -2.51 17.91
CA HIS A 9 10.29 -1.88 18.89
C HIS A 9 10.84 -0.56 18.33
N HIS A 10 11.32 0.31 19.23
CA HIS A 10 11.89 1.61 18.87
C HIS A 10 12.77 2.14 20.01
N SER A 11 14.09 2.28 19.73
CA SER A 11 15.09 2.78 20.69
C SER A 11 15.31 4.31 20.50
N SER A 12 16.41 4.84 21.08
CA SER A 12 16.79 6.26 20.98
C SER A 12 16.93 6.71 19.50
N GLY A 13 15.91 7.45 19.02
CA GLY A 13 15.87 7.93 17.64
C GLY A 13 14.44 7.93 17.11
N LEU A 14 13.58 8.76 17.73
CA LEU A 14 12.17 8.93 17.32
C LEU A 14 12.09 9.48 15.89
N VAL A 15 11.58 8.65 14.96
CA VAL A 15 11.50 8.95 13.52
C VAL A 15 10.00 9.08 13.07
N PRO A 16 9.36 10.28 13.28
CA PRO A 16 7.93 10.49 12.97
C PRO A 16 7.73 10.72 11.44
N ARG A 17 7.35 9.64 10.73
CA ARG A 17 7.18 9.66 9.27
C ARG A 17 5.91 10.46 8.90
N GLY A 18 6.10 11.76 8.58
CA GLY A 18 5.00 12.68 8.28
C GLY A 18 4.74 12.83 6.78
N SER A 19 4.91 14.07 6.28
CA SER A 19 4.59 14.46 4.90
C SER A 19 5.49 13.74 3.87
N HIS A 20 4.94 12.68 3.25
CA HIS A 20 5.57 11.94 2.14
C HIS A 20 4.48 11.56 1.12
N MET A 21 4.87 11.39 -0.16
CA MET A 21 3.95 10.96 -1.21
C MET A 21 3.76 9.43 -1.15
N ASN A 22 2.97 8.99 -0.17
CA ASN A 22 2.61 7.56 0.03
C ASN A 22 1.40 7.18 -0.82
N GLU A 23 0.95 8.09 -1.72
CA GLU A 23 -0.18 7.84 -2.64
C GLU A 23 0.02 6.55 -3.47
N LYS A 24 1.30 6.16 -3.72
CA LYS A 24 1.62 4.87 -4.34
C LYS A 24 1.47 3.74 -3.31
N VAL A 25 2.13 3.89 -2.14
CA VAL A 25 2.14 2.86 -1.04
C VAL A 25 0.72 2.38 -0.66
N GLU A 26 -0.15 3.36 -0.36
CA GLU A 26 -1.54 3.09 0.09
C GLU A 26 -2.33 2.36 -1.02
N LYS A 27 -2.08 2.78 -2.28
CA LYS A 27 -2.80 2.30 -3.48
C LYS A 27 -2.35 0.87 -3.87
N ILE A 28 -1.03 0.60 -3.77
CA ILE A 28 -0.44 -0.67 -4.25
C ILE A 28 -0.72 -1.81 -3.28
N VAL A 29 -0.70 -1.50 -1.96
CA VAL A 29 -0.98 -2.49 -0.91
C VAL A 29 -2.49 -2.77 -0.84
N GLU A 30 -3.31 -1.74 -1.17
CA GLU A 30 -4.76 -1.86 -1.42
C GLU A 30 -5.02 -2.83 -2.58
N GLU A 31 -4.25 -2.61 -3.66
CA GLU A 31 -4.43 -3.34 -4.93
C GLU A 31 -4.20 -4.84 -4.73
N LEU A 32 -3.03 -5.20 -4.15
CA LEU A 32 -2.62 -6.62 -3.96
C LEU A 32 -3.56 -7.35 -2.97
N LEU A 33 -4.05 -6.61 -1.97
CA LEU A 33 -5.03 -7.09 -0.97
C LEU A 33 -6.37 -7.44 -1.69
N ARG A 34 -6.73 -6.60 -2.69
CA ARG A 34 -7.94 -6.78 -3.52
C ARG A 34 -7.72 -7.81 -4.66
N ARG A 35 -6.45 -8.09 -5.02
CA ARG A 35 -6.10 -9.10 -6.07
C ARG A 35 -6.41 -10.53 -5.56
N GLY A 36 -6.45 -10.67 -4.22
CA GLY A 36 -6.69 -11.96 -3.58
C GLY A 36 -5.41 -12.65 -3.13
N TYR A 37 -4.31 -11.88 -3.01
CA TYR A 37 -3.08 -12.35 -2.35
C TYR A 37 -3.39 -12.63 -0.87
N SER A 38 -3.03 -13.83 -0.40
CA SER A 38 -3.31 -14.29 0.97
C SER A 38 -2.20 -13.84 1.95
N GLU A 39 -2.33 -14.26 3.22
CA GLU A 39 -1.51 -13.79 4.36
C GLU A 39 0.01 -13.83 4.08
N GLU A 40 0.52 -14.98 3.58
CA GLU A 40 1.94 -15.17 3.31
C GLU A 40 2.40 -14.32 2.11
N ASP A 41 1.54 -14.25 1.07
CA ASP A 41 1.83 -13.51 -0.17
C ASP A 41 2.03 -12.00 0.10
N ILE A 42 1.08 -11.43 0.86
CA ILE A 42 1.10 -10.02 1.26
C ILE A 42 2.33 -9.73 2.14
N ARG A 43 2.55 -10.61 3.15
CA ARG A 43 3.64 -10.44 4.14
C ARG A 43 5.03 -10.39 3.47
N ARG A 44 5.31 -11.38 2.61
CA ARG A 44 6.60 -11.50 1.90
C ARG A 44 6.85 -10.28 1.00
N TYR A 45 5.77 -9.80 0.35
CA TYR A 45 5.85 -8.68 -0.59
C TYR A 45 6.19 -7.37 0.14
N LEU A 46 5.38 -7.02 1.17
CA LEU A 46 5.53 -5.75 1.93
C LEU A 46 6.89 -5.69 2.63
N LYS A 47 7.42 -6.87 2.98
CA LYS A 47 8.70 -7.01 3.69
C LYS A 47 9.88 -6.66 2.76
N LYS A 48 9.86 -7.19 1.51
CA LYS A 48 10.93 -6.89 0.51
C LYS A 48 10.75 -5.50 -0.13
N GLN A 49 9.49 -4.97 -0.06
CA GLN A 49 9.15 -3.63 -0.60
C GLN A 49 9.44 -2.52 0.43
N GLY A 50 9.69 -2.89 1.69
CA GLY A 50 9.95 -1.93 2.77
C GLY A 50 8.69 -1.21 3.25
N ILE A 51 7.53 -1.81 2.95
CA ILE A 51 6.23 -1.36 3.47
C ILE A 51 6.11 -1.91 4.92
N ASP A 52 6.30 -1.03 5.92
CA ASP A 52 6.29 -1.42 7.35
C ASP A 52 4.94 -2.01 7.75
N ASP A 53 4.93 -2.70 8.90
CA ASP A 53 3.69 -3.24 9.51
C ASP A 53 2.66 -2.12 9.76
N ARG A 54 3.17 -0.88 9.97
CA ARG A 54 2.33 0.32 10.14
C ARG A 54 1.76 0.82 8.79
N GLU A 55 2.59 0.82 7.74
CA GLU A 55 2.21 1.38 6.41
C GLU A 55 1.05 0.56 5.79
N VAL A 56 1.16 -0.79 5.89
CA VAL A 56 0.10 -1.72 5.45
C VAL A 56 -1.14 -1.62 6.36
N ASP A 57 -0.90 -1.52 7.69
CA ASP A 57 -1.97 -1.43 8.71
C ASP A 57 -2.96 -0.30 8.41
N ARG A 58 -2.44 0.92 8.27
CA ARG A 58 -3.24 2.15 8.10
C ARG A 58 -3.99 2.17 6.74
N ALA A 59 -3.32 1.64 5.68
CA ALA A 59 -3.79 1.76 4.29
C ALA A 59 -4.97 0.82 4.00
N ILE A 60 -4.93 -0.37 4.60
CA ILE A 60 -6.00 -1.37 4.46
C ILE A 60 -7.19 -1.02 5.37
N LYS A 61 -6.95 -0.17 6.39
CA LYS A 61 -8.02 0.43 7.21
C LYS A 61 -8.55 1.75 6.61
N LYS A 62 -7.83 2.32 5.61
CA LYS A 62 -8.33 3.49 4.84
C LYS A 62 -9.49 3.06 3.93
N VAL A 63 -9.16 2.19 2.93
CA VAL A 63 -10.10 1.66 1.89
C VAL A 63 -11.12 2.71 1.36
N GLY A 64 -10.63 3.95 1.17
CA GLY A 64 -11.46 5.09 0.76
C GLY A 64 -11.57 6.13 1.88
N MET A 1 3.27 -21.93 17.00
CA MET A 1 1.91 -21.36 17.07
C MET A 1 1.15 -22.02 18.24
N GLY A 2 1.00 -21.29 19.35
CA GLY A 2 0.39 -21.81 20.57
C GLY A 2 0.25 -20.74 21.65
N SER A 3 -0.44 -19.65 21.30
CA SER A 3 -0.73 -18.50 22.20
C SER A 3 -2.24 -18.21 22.20
N SER A 4 -2.69 -17.28 23.07
CA SER A 4 -4.11 -16.89 23.17
C SER A 4 -4.55 -16.03 21.98
N HIS A 5 -5.11 -16.69 20.95
CA HIS A 5 -5.59 -16.04 19.71
C HIS A 5 -7.11 -15.77 19.82
N HIS A 6 -7.44 -14.59 20.42
CA HIS A 6 -8.85 -14.13 20.56
C HIS A 6 -9.33 -13.58 19.20
N HIS A 7 -9.99 -14.46 18.41
CA HIS A 7 -10.52 -14.11 17.05
C HIS A 7 -11.82 -13.29 17.13
N HIS A 8 -12.52 -13.17 15.97
CA HIS A 8 -13.76 -12.37 15.80
C HIS A 8 -13.40 -10.86 15.86
N HIS A 9 -12.26 -10.52 15.21
CA HIS A 9 -11.75 -9.14 15.11
C HIS A 9 -12.67 -8.29 14.23
N HIS A 10 -12.74 -7.01 14.55
CA HIS A 10 -13.49 -6.02 13.78
C HIS A 10 -12.74 -4.70 13.84
N SER A 11 -12.27 -4.22 12.69
CA SER A 11 -11.64 -2.90 12.56
C SER A 11 -12.75 -1.88 12.20
N SER A 12 -12.34 -0.64 11.93
CA SER A 12 -13.25 0.45 11.58
C SER A 12 -12.59 1.29 10.48
N GLY A 13 -13.00 1.05 9.23
CA GLY A 13 -12.55 1.83 8.09
C GLY A 13 -13.27 3.17 7.99
N LEU A 14 -12.80 4.02 7.06
CA LEU A 14 -13.32 5.39 6.89
C LEU A 14 -13.54 5.65 5.39
N VAL A 15 -14.19 6.79 5.07
CA VAL A 15 -14.38 7.26 3.68
C VAL A 15 -13.02 7.45 2.95
N PRO A 16 -12.93 7.09 1.63
CA PRO A 16 -11.69 7.27 0.83
C PRO A 16 -11.28 8.75 0.70
N ARG A 17 -10.28 9.15 1.51
CA ARG A 17 -9.75 10.51 1.54
C ARG A 17 -8.25 10.50 1.87
N GLY A 18 -7.61 9.31 1.74
CA GLY A 18 -6.20 9.10 2.06
C GLY A 18 -5.26 9.49 0.93
N SER A 19 -5.40 10.73 0.43
CA SER A 19 -4.49 11.32 -0.56
C SER A 19 -3.21 11.77 0.17
N HIS A 20 -2.37 10.78 0.48
CA HIS A 20 -1.16 10.95 1.31
C HIS A 20 0.09 11.07 0.41
N MET A 21 1.20 11.58 1.00
CA MET A 21 2.48 11.80 0.28
C MET A 21 2.98 10.53 -0.44
N ASN A 22 2.89 9.38 0.25
CA ASN A 22 3.41 8.09 -0.25
C ASN A 22 2.35 7.33 -1.08
N GLU A 23 1.39 8.06 -1.69
CA GLU A 23 0.22 7.49 -2.40
C GLU A 23 0.61 6.39 -3.42
N LYS A 24 1.78 6.56 -4.10
CA LYS A 24 2.32 5.58 -5.06
C LYS A 24 2.71 4.24 -4.36
N VAL A 25 3.34 4.36 -3.18
CA VAL A 25 3.85 3.21 -2.39
C VAL A 25 2.66 2.46 -1.73
N GLU A 26 1.72 3.27 -1.20
CA GLU A 26 0.45 2.78 -0.64
C GLU A 26 -0.41 2.11 -1.73
N LYS A 27 -0.29 2.61 -2.98
CA LYS A 27 -1.04 2.08 -4.13
C LYS A 27 -0.57 0.67 -4.49
N ILE A 28 0.76 0.45 -4.55
CA ILE A 28 1.34 -0.83 -5.02
C ILE A 28 1.09 -1.98 -4.02
N VAL A 29 1.05 -1.67 -2.69
CA VAL A 29 0.71 -2.68 -1.66
C VAL A 29 -0.82 -2.95 -1.62
N GLU A 30 -1.63 -1.87 -1.75
CA GLU A 30 -3.12 -1.95 -1.69
C GLU A 30 -3.70 -2.60 -2.97
N GLU A 31 -2.94 -2.51 -4.08
CA GLU A 31 -3.37 -2.99 -5.41
C GLU A 31 -3.63 -4.51 -5.37
N LEU A 32 -2.57 -5.26 -5.04
CA LEU A 32 -2.59 -6.73 -4.95
C LEU A 32 -3.31 -7.22 -3.70
N LEU A 33 -3.39 -6.34 -2.67
CA LEU A 33 -4.20 -6.57 -1.45
C LEU A 33 -5.68 -6.76 -1.86
N ARG A 34 -6.16 -5.84 -2.72
CA ARG A 34 -7.56 -5.83 -3.22
C ARG A 34 -7.77 -6.81 -4.38
N ARG A 35 -6.67 -7.37 -4.94
CA ARG A 35 -6.76 -8.48 -5.91
C ARG A 35 -7.17 -9.79 -5.22
N GLY A 36 -7.00 -9.85 -3.88
CA GLY A 36 -7.51 -10.95 -3.06
C GLY A 36 -6.58 -12.15 -2.98
N TYR A 37 -5.26 -11.89 -2.99
CA TYR A 37 -4.25 -12.92 -2.69
C TYR A 37 -4.25 -13.21 -1.18
N SER A 38 -3.65 -14.35 -0.80
CA SER A 38 -3.58 -14.81 0.61
C SER A 38 -2.87 -13.78 1.53
N GLU A 39 -3.25 -13.77 2.83
CA GLU A 39 -2.74 -12.83 3.85
C GLU A 39 -1.19 -12.81 3.88
N GLU A 40 -0.63 -14.01 3.98
CA GLU A 40 0.83 -14.22 4.09
C GLU A 40 1.55 -13.87 2.78
N ASP A 41 0.82 -13.95 1.65
CA ASP A 41 1.35 -13.60 0.32
C ASP A 41 1.48 -12.06 0.17
N ILE A 42 0.45 -11.34 0.68
CA ILE A 42 0.44 -9.86 0.72
C ILE A 42 1.56 -9.38 1.65
N ARG A 43 1.64 -10.02 2.84
CA ARG A 43 2.60 -9.68 3.88
C ARG A 43 4.05 -9.99 3.44
N ARG A 44 4.24 -11.06 2.67
CA ARG A 44 5.57 -11.46 2.14
C ARG A 44 6.06 -10.42 1.12
N TYR A 45 5.11 -9.90 0.29
CA TYR A 45 5.39 -8.83 -0.70
C TYR A 45 5.89 -7.57 0.01
N LEU A 46 5.05 -7.04 0.92
CA LEU A 46 5.29 -5.74 1.56
C LEU A 46 6.52 -5.75 2.49
N LYS A 47 6.85 -6.95 2.98
CA LYS A 47 8.02 -7.18 3.85
C LYS A 47 9.31 -7.11 3.02
N LYS A 48 9.27 -7.68 1.79
CA LYS A 48 10.37 -7.56 0.81
C LYS A 48 10.44 -6.12 0.28
N GLN A 49 9.26 -5.53 0.05
CA GLN A 49 9.09 -4.25 -0.66
C GLN A 49 9.61 -3.07 0.19
N GLY A 50 9.64 -3.27 1.52
CA GLY A 50 10.05 -2.24 2.48
C GLY A 50 8.92 -1.28 2.83
N ILE A 51 7.66 -1.75 2.60
CA ILE A 51 6.45 -1.01 3.00
C ILE A 51 6.45 -0.82 4.53
N ASP A 52 6.24 0.43 4.98
CA ASP A 52 6.24 0.78 6.40
C ASP A 52 5.05 0.13 7.12
N ASP A 53 5.25 -0.22 8.40
CA ASP A 53 4.23 -0.89 9.24
C ASP A 53 2.95 -0.06 9.33
N ARG A 54 3.12 1.24 9.65
CA ARG A 54 1.99 2.17 9.87
C ARG A 54 1.29 2.48 8.53
N GLU A 55 2.10 2.55 7.46
CA GLU A 55 1.68 2.83 6.08
C GLU A 55 0.64 1.80 5.58
N VAL A 56 0.98 0.51 5.75
CA VAL A 56 0.07 -0.58 5.39
C VAL A 56 -1.02 -0.79 6.47
N ASP A 57 -0.72 -0.42 7.74
CA ASP A 57 -1.63 -0.67 8.90
C ASP A 57 -2.95 0.10 8.75
N ARG A 58 -2.89 1.34 8.21
CA ARG A 58 -4.09 2.17 7.96
C ARG A 58 -4.89 1.64 6.75
N ALA A 59 -4.18 0.97 5.82
CA ALA A 59 -4.81 0.30 4.68
C ALA A 59 -5.64 -0.91 5.18
N ILE A 60 -4.99 -1.77 6.01
CA ILE A 60 -5.61 -2.97 6.62
C ILE A 60 -6.78 -2.57 7.55
N LYS A 61 -6.61 -1.42 8.22
CA LYS A 61 -7.63 -0.82 9.11
C LYS A 61 -8.91 -0.49 8.31
N LYS A 62 -8.70 -0.09 7.05
CA LYS A 62 -9.76 0.41 6.17
C LYS A 62 -10.40 -0.72 5.34
N VAL A 63 -9.67 -1.83 5.08
CA VAL A 63 -10.19 -2.96 4.25
C VAL A 63 -11.30 -3.76 4.98
N GLY A 64 -11.30 -3.69 6.32
CA GLY A 64 -12.34 -4.33 7.13
C GLY A 64 -11.86 -4.73 8.52
N MET A 1 -9.13 10.70 26.97
CA MET A 1 -10.51 10.51 26.44
C MET A 1 -10.50 9.79 25.06
N GLY A 2 -9.31 9.34 24.62
CA GLY A 2 -9.15 8.64 23.34
C GLY A 2 -8.98 9.58 22.15
N SER A 3 -9.04 8.99 20.95
CA SER A 3 -8.91 9.71 19.65
C SER A 3 -9.39 8.78 18.52
N SER A 4 -9.31 9.25 17.26
CA SER A 4 -9.73 8.46 16.09
C SER A 4 -8.69 7.36 15.77
N HIS A 5 -8.94 6.16 16.32
CA HIS A 5 -8.20 4.94 15.94
C HIS A 5 -8.64 4.49 14.53
N HIS A 6 -9.87 4.88 14.14
CA HIS A 6 -10.46 4.58 12.83
C HIS A 6 -9.61 5.15 11.69
N HIS A 7 -9.41 6.49 11.73
CA HIS A 7 -8.71 7.27 10.66
C HIS A 7 -9.46 7.21 9.30
N HIS A 8 -10.67 6.63 9.32
CA HIS A 8 -11.50 6.40 8.13
C HIS A 8 -12.41 7.62 7.92
N HIS A 9 -11.82 8.67 7.36
CA HIS A 9 -12.47 9.98 7.20
C HIS A 9 -12.43 10.39 5.72
N HIS A 10 -13.51 11.05 5.25
CA HIS A 10 -13.63 11.54 3.86
C HIS A 10 -12.69 12.73 3.61
N SER A 11 -11.88 12.64 2.55
CA SER A 11 -11.00 13.73 2.11
C SER A 11 -10.76 13.58 0.60
N SER A 12 -11.60 14.25 -0.21
CA SER A 12 -11.57 14.13 -1.67
C SER A 12 -11.79 15.52 -2.32
N GLY A 13 -10.87 15.91 -3.22
CA GLY A 13 -10.95 17.15 -3.96
C GLY A 13 -10.18 17.05 -5.28
N LEU A 14 -8.94 17.54 -5.29
CA LEU A 14 -8.00 17.37 -6.43
C LEU A 14 -6.93 16.36 -6.02
N VAL A 15 -6.54 15.46 -6.94
CA VAL A 15 -5.58 14.38 -6.67
C VAL A 15 -4.10 14.86 -6.83
N PRO A 16 -3.29 14.87 -5.72
CA PRO A 16 -1.84 15.17 -5.79
C PRO A 16 -0.99 13.94 -6.19
N ARG A 17 -1.18 13.49 -7.46
CA ARG A 17 -0.37 12.40 -8.03
C ARG A 17 1.09 12.87 -8.19
N GLY A 18 2.05 11.99 -7.90
CA GLY A 18 3.48 12.34 -7.96
C GLY A 18 4.00 12.92 -6.64
N SER A 19 3.12 13.66 -5.92
CA SER A 19 3.45 14.27 -4.61
C SER A 19 3.68 13.18 -3.54
N HIS A 20 4.44 13.52 -2.48
CA HIS A 20 4.74 12.60 -1.36
C HIS A 20 3.54 12.50 -0.41
N MET A 21 2.50 11.78 -0.88
CA MET A 21 1.26 11.51 -0.12
C MET A 21 0.88 10.03 -0.26
N ASN A 22 0.21 9.50 0.78
CA ASN A 22 -0.17 8.07 0.89
C ASN A 22 -1.34 7.70 -0.03
N GLU A 23 -1.84 8.68 -0.83
CA GLU A 23 -2.88 8.46 -1.84
C GLU A 23 -2.45 7.39 -2.88
N LYS A 24 -1.18 7.44 -3.30
CA LYS A 24 -0.61 6.45 -4.25
C LYS A 24 -0.40 5.08 -3.54
N VAL A 25 -0.07 5.14 -2.25
CA VAL A 25 0.26 3.96 -1.43
C VAL A 25 -0.97 3.08 -1.23
N GLU A 26 -2.11 3.70 -0.91
CA GLU A 26 -3.36 2.99 -0.58
C GLU A 26 -3.96 2.29 -1.82
N LYS A 27 -3.68 2.84 -3.01
CA LYS A 27 -4.03 2.19 -4.29
C LYS A 27 -3.17 0.94 -4.52
N ILE A 28 -1.83 1.12 -4.47
CA ILE A 28 -0.89 0.04 -4.82
C ILE A 28 -0.93 -1.11 -3.79
N VAL A 29 -1.25 -0.79 -2.51
CA VAL A 29 -1.37 -1.81 -1.45
C VAL A 29 -2.69 -2.58 -1.58
N GLU A 30 -3.73 -1.88 -2.07
CA GLU A 30 -5.02 -2.51 -2.42
C GLU A 30 -4.88 -3.38 -3.68
N GLU A 31 -3.92 -3.03 -4.55
CA GLU A 31 -3.76 -3.66 -5.88
C GLU A 31 -3.32 -5.13 -5.77
N LEU A 32 -2.20 -5.39 -5.04
CA LEU A 32 -1.71 -6.79 -4.85
C LEU A 32 -2.64 -7.58 -3.91
N LEU A 33 -3.32 -6.86 -3.01
CA LEU A 33 -4.37 -7.40 -2.13
C LEU A 33 -5.56 -7.90 -2.99
N ARG A 34 -5.83 -7.17 -4.09
CA ARG A 34 -6.92 -7.46 -5.04
C ARG A 34 -6.58 -8.65 -5.96
N ARG A 35 -5.27 -8.99 -6.08
CA ARG A 35 -4.80 -10.10 -6.96
C ARG A 35 -5.19 -11.47 -6.36
N GLY A 36 -5.57 -11.48 -5.07
CA GLY A 36 -6.14 -12.66 -4.43
C GLY A 36 -5.09 -13.62 -3.89
N TYR A 37 -3.95 -13.08 -3.43
CA TYR A 37 -2.93 -13.89 -2.72
C TYR A 37 -3.41 -14.19 -1.28
N SER A 38 -2.70 -15.11 -0.59
CA SER A 38 -2.94 -15.36 0.85
C SER A 38 -2.43 -14.15 1.66
N GLU A 39 -3.05 -13.86 2.82
CA GLU A 39 -2.71 -12.68 3.67
C GLU A 39 -1.22 -12.73 4.09
N GLU A 40 -0.80 -13.91 4.56
CA GLU A 40 0.61 -14.20 4.92
C GLU A 40 1.57 -13.91 3.74
N ASP A 41 1.12 -14.26 2.53
CA ASP A 41 1.92 -14.11 1.30
C ASP A 41 2.01 -12.64 0.88
N ILE A 42 0.91 -11.91 1.07
CA ILE A 42 0.82 -10.46 0.79
C ILE A 42 1.77 -9.71 1.74
N ARG A 43 1.81 -10.13 3.02
CA ARG A 43 2.70 -9.51 4.04
C ARG A 43 4.19 -9.73 3.69
N ARG A 44 4.49 -10.85 2.97
CA ARG A 44 5.84 -11.13 2.43
C ARG A 44 6.22 -10.04 1.39
N TYR A 45 5.27 -9.75 0.48
CA TYR A 45 5.44 -8.69 -0.54
C TYR A 45 5.73 -7.32 0.09
N LEU A 46 4.89 -6.91 1.07
CA LEU A 46 5.02 -5.59 1.72
C LEU A 46 6.38 -5.45 2.43
N LYS A 47 6.81 -6.52 3.12
CA LYS A 47 8.04 -6.48 3.93
C LYS A 47 9.31 -6.36 3.03
N LYS A 48 9.33 -7.10 1.90
CA LYS A 48 10.44 -7.03 0.92
C LYS A 48 10.38 -5.71 0.12
N GLN A 49 9.19 -5.09 0.08
CA GLN A 49 8.93 -3.83 -0.66
C GLN A 49 9.55 -2.63 0.09
N GLY A 50 9.83 -2.82 1.40
CA GLY A 50 10.33 -1.76 2.27
C GLY A 50 9.21 -1.09 3.07
N ILE A 51 8.06 -1.79 3.14
CA ILE A 51 6.86 -1.35 3.87
C ILE A 51 6.68 -2.23 5.11
N ASP A 52 6.80 -1.63 6.30
CA ASP A 52 6.67 -2.34 7.58
C ASP A 52 5.20 -2.69 7.86
N ASP A 53 5.01 -3.55 8.87
CA ASP A 53 3.69 -4.02 9.31
C ASP A 53 2.77 -2.85 9.71
N ARG A 54 3.38 -1.79 10.29
CA ARG A 54 2.67 -0.56 10.72
C ARG A 54 2.31 0.32 9.51
N GLU A 55 3.20 0.32 8.50
CA GLU A 55 3.10 1.22 7.33
C GLU A 55 1.97 0.73 6.39
N VAL A 56 1.81 -0.60 6.29
CA VAL A 56 0.67 -1.20 5.56
C VAL A 56 -0.62 -1.12 6.39
N ASP A 57 -0.49 -1.30 7.72
CA ASP A 57 -1.63 -1.31 8.68
C ASP A 57 -2.46 -0.03 8.57
N ARG A 58 -1.77 1.13 8.64
CA ARG A 58 -2.40 2.47 8.63
C ARG A 58 -3.17 2.73 7.31
N ALA A 59 -2.66 2.17 6.19
CA ALA A 59 -3.26 2.34 4.85
C ALA A 59 -4.58 1.53 4.76
N ILE A 60 -4.51 0.27 5.19
CA ILE A 60 -5.65 -0.68 5.16
C ILE A 60 -6.78 -0.23 6.12
N LYS A 61 -6.37 0.31 7.29
CA LYS A 61 -7.30 0.80 8.33
C LYS A 61 -7.98 2.12 7.91
N LYS A 62 -7.28 2.91 7.07
CA LYS A 62 -7.80 4.20 6.59
C LYS A 62 -8.87 3.96 5.50
N VAL A 63 -8.55 3.12 4.50
CA VAL A 63 -9.44 2.85 3.33
C VAL A 63 -10.67 2.00 3.73
N GLY A 64 -10.52 1.20 4.79
CA GLY A 64 -11.59 0.31 5.24
C GLY A 64 -11.39 -1.11 4.71
N MET A 1 13.08 0.75 7.15
CA MET A 1 14.26 1.38 7.80
C MET A 1 14.23 2.90 7.52
N GLY A 2 13.59 3.65 8.44
CA GLY A 2 13.43 5.11 8.30
C GLY A 2 12.54 5.65 9.40
N SER A 3 11.21 5.55 9.17
CA SER A 3 10.18 5.87 10.17
C SER A 3 9.72 4.60 10.92
N SER A 4 10.53 3.52 10.79
CA SER A 4 10.27 2.21 11.40
C SER A 4 10.33 2.29 12.94
N HIS A 5 9.16 1.99 13.57
CA HIS A 5 8.89 2.05 15.05
C HIS A 5 8.98 3.48 15.63
N HIS A 6 9.40 4.47 14.82
CA HIS A 6 9.63 5.84 15.25
C HIS A 6 9.60 6.76 14.03
N HIS A 7 8.46 7.40 13.79
CA HIS A 7 8.31 8.47 12.79
C HIS A 7 9.10 9.70 13.25
N HIS A 8 9.65 10.42 12.27
CA HIS A 8 10.41 11.65 12.53
C HIS A 8 9.43 12.82 12.72
N HIS A 9 8.46 12.92 11.80
CA HIS A 9 7.29 13.80 11.93
C HIS A 9 6.02 12.94 12.06
N HIS A 10 5.06 13.40 12.87
CA HIS A 10 3.81 12.66 13.17
C HIS A 10 2.61 13.62 13.27
N SER A 11 2.81 14.88 12.84
CA SER A 11 1.81 15.94 12.93
C SER A 11 0.63 15.67 11.97
N SER A 12 -0.61 15.63 12.51
CA SER A 12 -1.83 15.36 11.74
C SER A 12 -2.15 16.54 10.78
N GLY A 13 -1.66 16.42 9.54
CA GLY A 13 -1.95 17.38 8.48
C GLY A 13 -3.26 17.05 7.79
N LEU A 14 -4.18 18.03 7.73
CA LEU A 14 -5.45 17.93 6.96
C LEU A 14 -5.10 17.78 5.47
N VAL A 15 -5.93 17.03 4.71
CA VAL A 15 -5.64 16.71 3.30
C VAL A 15 -6.58 17.48 2.33
N PRO A 16 -6.12 18.62 1.75
CA PRO A 16 -6.77 19.25 0.57
C PRO A 16 -6.09 18.79 -0.76
N ARG A 17 -6.48 19.43 -1.86
CA ARG A 17 -5.81 19.26 -3.16
C ARG A 17 -4.55 20.14 -3.18
N GLY A 18 -3.41 19.53 -2.79
CA GLY A 18 -2.14 20.24 -2.68
C GLY A 18 -1.15 19.49 -1.79
N SER A 19 -1.68 18.86 -0.74
CA SER A 19 -0.89 18.02 0.18
C SER A 19 -0.93 16.56 -0.31
N HIS A 20 0.25 15.90 -0.42
CA HIS A 20 0.32 14.54 -0.96
C HIS A 20 -0.15 13.51 0.09
N MET A 21 -1.42 13.12 -0.03
CA MET A 21 -1.98 11.95 0.65
C MET A 21 -1.31 10.67 0.10
N ASN A 22 -1.45 9.57 0.85
CA ASN A 22 -0.86 8.28 0.49
C ASN A 22 -1.74 7.50 -0.48
N GLU A 23 -2.67 8.18 -1.20
CA GLU A 23 -3.60 7.56 -2.19
C GLU A 23 -2.82 6.76 -3.28
N LYS A 24 -1.60 7.23 -3.59
CA LYS A 24 -0.68 6.53 -4.51
C LYS A 24 -0.12 5.23 -3.88
N VAL A 25 0.28 5.32 -2.59
CA VAL A 25 0.88 4.21 -1.83
C VAL A 25 -0.18 3.13 -1.51
N GLU A 26 -1.41 3.62 -1.23
CA GLU A 26 -2.56 2.78 -0.89
C GLU A 26 -3.03 1.99 -2.11
N LYS A 27 -3.00 2.64 -3.30
CA LYS A 27 -3.46 2.03 -4.56
C LYS A 27 -2.49 0.93 -5.04
N ILE A 28 -1.16 1.16 -4.91
CA ILE A 28 -0.15 0.19 -5.38
C ILE A 28 -0.13 -1.08 -4.49
N VAL A 29 -0.33 -0.91 -3.16
CA VAL A 29 -0.43 -2.07 -2.23
C VAL A 29 -1.81 -2.75 -2.38
N GLU A 30 -2.85 -1.94 -2.69
CA GLU A 30 -4.22 -2.43 -2.94
C GLU A 30 -4.27 -3.34 -4.17
N GLU A 31 -3.42 -3.04 -5.16
CA GLU A 31 -3.39 -3.73 -6.45
C GLU A 31 -2.88 -5.18 -6.29
N LEU A 32 -1.74 -5.33 -5.56
CA LEU A 32 -1.15 -6.66 -5.26
C LEU A 32 -2.00 -7.42 -4.21
N LEU A 33 -2.80 -6.66 -3.43
CA LEU A 33 -3.75 -7.20 -2.43
C LEU A 33 -5.02 -7.73 -3.16
N ARG A 34 -5.38 -7.05 -4.27
CA ARG A 34 -6.63 -7.33 -5.04
C ARG A 34 -6.48 -8.58 -5.94
N ARG A 35 -5.24 -9.11 -6.00
CA ARG A 35 -4.92 -10.31 -6.81
C ARG A 35 -5.52 -11.59 -6.18
N GLY A 36 -5.99 -11.47 -4.92
CA GLY A 36 -6.72 -12.54 -4.24
C GLY A 36 -5.82 -13.52 -3.52
N TYR A 37 -4.61 -13.05 -3.14
CA TYR A 37 -3.69 -13.84 -2.28
C TYR A 37 -4.11 -13.72 -0.81
N SER A 38 -3.52 -14.58 0.02
CA SER A 38 -3.73 -14.55 1.48
C SER A 38 -2.96 -13.37 2.10
N GLU A 39 -3.46 -12.86 3.25
CA GLU A 39 -2.86 -11.71 3.97
C GLU A 39 -1.37 -11.97 4.33
N GLU A 40 -1.03 -13.25 4.50
CA GLU A 40 0.35 -13.69 4.77
C GLU A 40 1.28 -13.41 3.57
N ASP A 41 0.81 -13.74 2.36
CA ASP A 41 1.57 -13.54 1.09
C ASP A 41 1.66 -12.05 0.74
N ILE A 42 0.54 -11.33 0.98
CA ILE A 42 0.41 -9.90 0.66
C ILE A 42 1.35 -9.07 1.55
N ARG A 43 1.26 -9.27 2.88
CA ARG A 43 2.10 -8.58 3.87
C ARG A 43 3.60 -8.89 3.63
N ARG A 44 3.88 -10.12 3.12
CA ARG A 44 5.24 -10.55 2.79
C ARG A 44 5.81 -9.76 1.59
N TYR A 45 4.92 -9.32 0.68
CA TYR A 45 5.31 -8.41 -0.43
C TYR A 45 5.86 -7.08 0.14
N LEU A 46 5.17 -6.53 1.16
CA LEU A 46 5.59 -5.29 1.86
C LEU A 46 6.94 -5.48 2.56
N LYS A 47 7.08 -6.66 3.21
CA LYS A 47 8.29 -7.03 3.96
C LYS A 47 9.51 -7.11 3.02
N LYS A 48 9.28 -7.66 1.81
CA LYS A 48 10.32 -7.82 0.78
C LYS A 48 10.69 -6.43 0.20
N GLN A 49 9.64 -5.62 -0.09
CA GLN A 49 9.79 -4.26 -0.65
C GLN A 49 10.44 -3.28 0.34
N GLY A 50 10.45 -3.66 1.63
CA GLY A 50 11.04 -2.85 2.70
C GLY A 50 10.09 -1.77 3.21
N ILE A 51 8.78 -1.96 2.96
CA ILE A 51 7.72 -1.09 3.49
C ILE A 51 7.25 -1.67 4.83
N ASP A 52 6.97 -0.79 5.81
CA ASP A 52 6.60 -1.18 7.19
C ASP A 52 5.27 -1.98 7.22
N ASP A 53 5.21 -2.96 8.14
CA ASP A 53 3.94 -3.63 8.52
C ASP A 53 2.93 -2.59 9.07
N ARG A 54 3.48 -1.58 9.77
CA ARG A 54 2.70 -0.46 10.34
C ARG A 54 2.15 0.45 9.21
N GLU A 55 2.93 0.63 8.14
CA GLU A 55 2.60 1.53 7.01
C GLU A 55 1.37 1.02 6.25
N VAL A 56 1.38 -0.29 5.93
CA VAL A 56 0.26 -0.94 5.24
C VAL A 56 -0.95 -1.06 6.20
N ASP A 57 -0.69 -1.34 7.50
CA ASP A 57 -1.73 -1.62 8.51
C ASP A 57 -2.64 -0.39 8.76
N ARG A 58 -2.06 0.82 8.72
CA ARG A 58 -2.81 2.07 8.94
C ARG A 58 -3.67 2.44 7.71
N ALA A 59 -3.22 1.98 6.52
CA ALA A 59 -3.98 2.11 5.26
C ALA A 59 -5.17 1.12 5.25
N ILE A 60 -4.93 -0.08 5.82
CA ILE A 60 -5.95 -1.13 5.99
C ILE A 60 -6.94 -0.75 7.12
N LYS A 61 -6.47 0.07 8.08
CA LYS A 61 -7.29 0.58 9.20
C LYS A 61 -8.37 1.56 8.68
N LYS A 62 -8.05 2.23 7.55
CA LYS A 62 -8.99 3.15 6.85
C LYS A 62 -10.17 2.36 6.23
N VAL A 63 -9.91 1.09 5.88
CA VAL A 63 -10.94 0.17 5.39
C VAL A 63 -11.74 -0.37 6.60
N GLY A 64 -12.91 0.25 6.86
CA GLY A 64 -13.81 -0.20 7.92
C GLY A 64 -14.45 0.95 8.71
N MET A 1 21.69 36.66 -16.72
CA MET A 1 23.14 36.58 -16.98
C MET A 1 23.57 35.11 -17.07
N GLY A 2 24.41 34.78 -18.08
CA GLY A 2 24.89 33.42 -18.30
C GLY A 2 23.89 32.57 -19.09
N SER A 3 23.75 31.29 -18.69
CA SER A 3 22.82 30.35 -19.33
C SER A 3 21.36 30.72 -18.97
N SER A 4 20.76 31.58 -19.82
CA SER A 4 19.38 32.07 -19.66
C SER A 4 18.43 31.29 -20.58
N HIS A 5 17.35 30.73 -20.00
CA HIS A 5 16.36 29.91 -20.74
C HIS A 5 14.92 30.28 -20.33
N HIS A 6 14.76 31.47 -19.71
CA HIS A 6 13.46 31.99 -19.24
C HIS A 6 12.51 32.24 -20.44
N HIS A 7 11.71 31.23 -20.78
CA HIS A 7 10.78 31.26 -21.93
C HIS A 7 9.56 30.37 -21.66
N HIS A 8 9.81 29.12 -21.20
CA HIS A 8 8.76 28.10 -21.01
C HIS A 8 8.41 27.96 -19.51
N HIS A 9 9.21 27.17 -18.77
CA HIS A 9 8.93 26.78 -17.38
C HIS A 9 10.14 25.97 -16.85
N HIS A 10 10.86 26.50 -15.83
CA HIS A 10 12.17 25.94 -15.38
C HIS A 10 12.04 24.61 -14.60
N SER A 11 10.92 24.43 -13.90
CA SER A 11 10.68 23.24 -13.05
C SER A 11 9.59 22.35 -13.69
N SER A 12 10.00 21.20 -14.24
CA SER A 12 9.09 20.24 -14.92
C SER A 12 8.41 19.29 -13.91
N GLY A 13 9.23 18.43 -13.28
CA GLY A 13 8.74 17.42 -12.33
C GLY A 13 8.45 16.07 -12.99
N LEU A 14 8.29 15.01 -12.18
CA LEU A 14 8.05 13.63 -12.65
C LEU A 14 6.55 13.39 -12.94
N VAL A 15 5.74 13.43 -11.87
CA VAL A 15 4.28 13.19 -11.91
C VAL A 15 3.63 13.77 -10.63
N PRO A 16 2.55 14.62 -10.75
CA PRO A 16 1.83 15.18 -9.58
C PRO A 16 0.96 14.10 -8.88
N ARG A 17 1.56 13.40 -7.91
CA ARG A 17 0.89 12.37 -7.10
C ARG A 17 1.72 12.04 -5.85
N GLY A 18 1.10 12.16 -4.65
CA GLY A 18 1.73 11.79 -3.39
C GLY A 18 2.91 12.70 -3.01
N SER A 19 2.73 14.01 -3.24
CA SER A 19 3.74 15.04 -2.94
C SER A 19 4.03 15.11 -1.44
N HIS A 20 2.96 15.25 -0.64
CA HIS A 20 3.03 15.31 0.85
C HIS A 20 2.01 14.33 1.47
N MET A 21 1.43 13.47 0.63
CA MET A 21 0.42 12.48 1.03
C MET A 21 0.91 11.07 0.64
N ASN A 22 0.37 10.03 1.31
CA ASN A 22 0.81 8.62 1.11
C ASN A 22 -0.01 7.95 -0.03
N GLU A 23 -0.39 8.75 -1.05
CA GLU A 23 -1.22 8.31 -2.20
C GLU A 23 -0.55 7.20 -3.03
N LYS A 24 0.79 7.24 -3.06
CA LYS A 24 1.63 6.19 -3.68
C LYS A 24 1.44 4.84 -2.94
N VAL A 25 1.46 4.89 -1.58
CA VAL A 25 1.22 3.72 -0.73
C VAL A 25 -0.18 3.17 -0.97
N GLU A 26 -1.16 4.11 -1.00
CA GLU A 26 -2.59 3.81 -1.16
C GLU A 26 -2.87 2.85 -2.31
N LYS A 27 -2.39 3.21 -3.50
CA LYS A 27 -2.71 2.51 -4.73
C LYS A 27 -1.93 1.18 -4.87
N ILE A 28 -0.66 1.14 -4.36
CA ILE A 28 0.17 -0.11 -4.45
C ILE A 28 -0.30 -1.19 -3.43
N VAL A 29 -0.74 -0.74 -2.23
CA VAL A 29 -1.20 -1.66 -1.16
C VAL A 29 -2.62 -2.19 -1.49
N GLU A 30 -3.42 -1.33 -2.13
CA GLU A 30 -4.77 -1.67 -2.61
C GLU A 30 -4.65 -2.68 -3.77
N GLU A 31 -3.59 -2.51 -4.59
CA GLU A 31 -3.32 -3.35 -5.77
C GLU A 31 -3.01 -4.79 -5.35
N LEU A 32 -2.05 -4.97 -4.39
CA LEU A 32 -1.64 -6.31 -3.89
C LEU A 32 -2.79 -7.00 -3.11
N LEU A 33 -3.67 -6.17 -2.51
CA LEU A 33 -4.87 -6.67 -1.80
C LEU A 33 -5.96 -7.11 -2.82
N ARG A 34 -6.02 -6.38 -3.95
CA ARG A 34 -6.96 -6.65 -5.06
C ARG A 34 -6.58 -7.95 -5.80
N ARG A 35 -5.30 -8.37 -5.65
CA ARG A 35 -4.78 -9.64 -6.22
C ARG A 35 -5.32 -10.87 -5.48
N GLY A 36 -5.93 -10.63 -4.29
CA GLY A 36 -6.56 -11.69 -3.51
C GLY A 36 -5.56 -12.68 -2.92
N TYR A 37 -4.36 -12.19 -2.58
CA TYR A 37 -3.31 -13.00 -1.92
C TYR A 37 -3.73 -13.32 -0.48
N SER A 38 -3.19 -14.41 0.06
CA SER A 38 -3.32 -14.76 1.49
C SER A 38 -2.53 -13.74 2.33
N GLU A 39 -2.90 -13.57 3.63
CA GLU A 39 -2.20 -12.64 4.57
C GLU A 39 -0.68 -12.93 4.59
N GLU A 40 -0.34 -14.22 4.53
CA GLU A 40 1.06 -14.70 4.54
C GLU A 40 1.83 -14.24 3.27
N ASP A 41 1.14 -14.27 2.12
CA ASP A 41 1.71 -13.84 0.81
C ASP A 41 1.80 -12.31 0.73
N ILE A 42 0.80 -11.63 1.30
CA ILE A 42 0.72 -10.17 1.35
C ILE A 42 1.89 -9.61 2.17
N ARG A 43 2.06 -10.14 3.40
CA ARG A 43 3.08 -9.66 4.35
C ARG A 43 4.50 -10.01 3.88
N ARG A 44 4.62 -11.14 3.13
CA ARG A 44 5.90 -11.56 2.52
C ARG A 44 6.29 -10.59 1.40
N TYR A 45 5.29 -10.20 0.57
CA TYR A 45 5.50 -9.32 -0.58
C TYR A 45 5.87 -7.89 -0.14
N LEU A 46 5.09 -7.33 0.82
CA LEU A 46 5.27 -5.93 1.29
C LEU A 46 6.56 -5.78 2.11
N LYS A 47 7.00 -6.89 2.75
CA LYS A 47 8.28 -6.92 3.48
C LYS A 47 9.46 -6.73 2.51
N LYS A 48 9.35 -7.36 1.33
CA LYS A 48 10.36 -7.21 0.24
C LYS A 48 10.19 -5.83 -0.43
N GLN A 49 8.93 -5.39 -0.57
CA GLN A 49 8.55 -4.13 -1.25
C GLN A 49 9.04 -2.92 -0.41
N GLY A 50 9.25 -3.14 0.90
CA GLY A 50 9.78 -2.11 1.81
C GLY A 50 8.70 -1.34 2.55
N ILE A 51 7.44 -1.82 2.43
CA ILE A 51 6.29 -1.24 3.14
C ILE A 51 6.38 -1.61 4.63
N ASP A 52 6.33 -0.59 5.50
CA ASP A 52 6.39 -0.79 6.96
C ASP A 52 5.14 -1.54 7.46
N ASP A 53 5.29 -2.30 8.57
CA ASP A 53 4.19 -3.03 9.23
C ASP A 53 3.07 -2.06 9.64
N ARG A 54 3.46 -0.89 10.16
CA ARG A 54 2.53 0.13 10.65
C ARG A 54 1.87 0.88 9.46
N GLU A 55 2.59 0.97 8.33
CA GLU A 55 2.11 1.64 7.11
C GLU A 55 1.00 0.80 6.43
N VAL A 56 1.23 -0.52 6.33
CA VAL A 56 0.23 -1.44 5.76
C VAL A 56 -0.92 -1.67 6.77
N ASP A 57 -0.59 -1.59 8.08
CA ASP A 57 -1.58 -1.75 9.17
C ASP A 57 -2.71 -0.72 9.00
N ARG A 58 -2.33 0.58 8.97
CA ARG A 58 -3.26 1.70 8.79
C ARG A 58 -3.93 1.62 7.39
N ALA A 59 -3.13 1.25 6.37
CA ALA A 59 -3.57 1.25 4.96
C ALA A 59 -4.76 0.31 4.72
N ILE A 60 -4.66 -0.95 5.21
CA ILE A 60 -5.74 -1.95 5.06
C ILE A 60 -7.00 -1.51 5.83
N LYS A 61 -6.80 -0.87 6.99
CA LYS A 61 -7.88 -0.43 7.88
C LYS A 61 -8.58 0.86 7.36
N LYS A 62 -7.89 1.63 6.51
CA LYS A 62 -8.44 2.88 5.94
C LYS A 62 -8.96 2.68 4.49
N VAL A 63 -8.57 1.57 3.81
CA VAL A 63 -9.15 1.24 2.47
C VAL A 63 -10.53 0.56 2.61
N GLY A 64 -10.75 -0.08 3.79
CA GLY A 64 -12.00 -0.80 4.07
C GLY A 64 -12.19 -1.06 5.56
N MET A 1 30.53 -28.90 10.40
CA MET A 1 31.77 -28.13 10.14
C MET A 1 31.45 -26.95 9.19
N GLY A 2 31.87 -25.73 9.58
CA GLY A 2 31.63 -24.53 8.80
C GLY A 2 30.21 -23.99 9.00
N SER A 3 29.98 -23.36 10.15
CA SER A 3 28.65 -22.82 10.54
C SER A 3 28.38 -21.43 9.89
N SER A 4 29.44 -20.76 9.40
CA SER A 4 29.34 -19.44 8.78
C SER A 4 28.86 -19.55 7.31
N HIS A 5 27.59 -19.17 7.07
CA HIS A 5 26.97 -19.15 5.73
C HIS A 5 26.09 -17.88 5.58
N HIS A 6 26.67 -16.83 4.99
CA HIS A 6 25.97 -15.56 4.71
C HIS A 6 25.84 -15.35 3.19
N HIS A 7 24.83 -14.59 2.75
CA HIS A 7 24.62 -14.26 1.31
C HIS A 7 24.75 -12.75 1.06
N HIS A 8 24.36 -11.96 2.06
CA HIS A 8 24.41 -10.47 2.02
C HIS A 8 24.17 -9.88 3.42
N HIS A 9 24.49 -8.59 3.58
CA HIS A 9 24.14 -7.83 4.79
C HIS A 9 22.62 -7.59 4.83
N HIS A 10 22.02 -7.57 6.04
CA HIS A 10 20.58 -7.28 6.20
C HIS A 10 20.32 -5.76 6.04
N SER A 11 19.09 -5.42 5.63
CA SER A 11 18.65 -4.02 5.53
C SER A 11 18.39 -3.44 6.93
N SER A 12 18.74 -2.16 7.11
CA SER A 12 18.45 -1.41 8.35
C SER A 12 17.07 -0.70 8.24
N GLY A 13 16.30 -1.07 7.19
CA GLY A 13 14.93 -0.56 6.99
C GLY A 13 14.89 0.93 6.65
N LEU A 14 13.87 1.62 7.18
CA LEU A 14 13.63 3.07 6.94
C LEU A 14 12.61 3.58 7.96
N VAL A 15 11.50 2.81 8.14
CA VAL A 15 10.33 3.21 8.94
C VAL A 15 9.77 4.58 8.46
N PRO A 16 9.09 4.63 7.28
CA PRO A 16 8.35 5.84 6.83
C PRO A 16 7.04 6.02 7.63
N ARG A 17 6.66 7.28 7.89
CA ARG A 17 5.50 7.61 8.74
C ARG A 17 4.17 7.19 8.08
N GLY A 18 3.24 6.67 8.90
CA GLY A 18 1.91 6.27 8.45
C GLY A 18 0.98 7.46 8.28
N SER A 19 1.30 8.32 7.28
CA SER A 19 0.55 9.56 6.99
C SER A 19 -0.53 9.30 5.93
N HIS A 20 -1.60 10.15 5.95
CA HIS A 20 -2.68 10.08 4.95
C HIS A 20 -2.27 10.76 3.63
N MET A 21 -1.54 9.98 2.81
CA MET A 21 -1.25 10.31 1.40
C MET A 21 -0.58 9.05 0.80
N ASN A 22 0.77 8.89 1.00
CA ASN A 22 1.57 7.70 0.62
C ASN A 22 1.22 7.15 -0.79
N GLU A 23 1.30 8.03 -1.81
CA GLU A 23 0.82 7.75 -3.20
C GLU A 23 1.34 6.41 -3.78
N LYS A 24 2.63 6.08 -3.52
CA LYS A 24 3.22 4.80 -3.95
C LYS A 24 2.66 3.64 -3.12
N VAL A 25 2.78 3.74 -1.78
CA VAL A 25 2.41 2.64 -0.84
C VAL A 25 0.94 2.20 -1.03
N GLU A 26 0.05 3.20 -1.09
CA GLU A 26 -1.42 3.02 -1.24
C GLU A 26 -1.79 2.24 -2.50
N LYS A 27 -1.19 2.63 -3.65
CA LYS A 27 -1.49 1.99 -4.94
C LYS A 27 -0.98 0.54 -4.93
N ILE A 28 0.31 0.37 -4.58
CA ILE A 28 1.01 -0.93 -4.70
C ILE A 28 0.45 -1.99 -3.72
N VAL A 29 0.01 -1.56 -2.52
CA VAL A 29 -0.57 -2.49 -1.52
C VAL A 29 -2.00 -2.87 -1.94
N GLU A 30 -2.84 -1.86 -2.27
CA GLU A 30 -4.28 -2.05 -2.51
C GLU A 30 -4.54 -2.80 -3.84
N GLU A 31 -3.56 -2.71 -4.75
CA GLU A 31 -3.58 -3.40 -6.04
C GLU A 31 -3.60 -4.93 -5.84
N LEU A 32 -2.55 -5.44 -5.16
CA LEU A 32 -2.41 -6.89 -4.84
C LEU A 32 -3.34 -7.32 -3.69
N LEU A 33 -3.79 -6.34 -2.87
CA LEU A 33 -4.72 -6.57 -1.74
C LEU A 33 -6.11 -6.95 -2.28
N ARG A 34 -6.68 -6.10 -3.14
CA ARG A 34 -8.07 -6.27 -3.64
C ARG A 34 -8.20 -7.51 -4.57
N ARG A 35 -7.06 -8.04 -5.04
CA ARG A 35 -7.02 -9.22 -5.93
C ARG A 35 -7.18 -10.57 -5.16
N GLY A 36 -7.90 -10.58 -4.02
CA GLY A 36 -8.15 -11.84 -3.28
C GLY A 36 -7.13 -12.10 -2.18
N TYR A 37 -6.75 -11.02 -1.49
CA TYR A 37 -5.68 -10.98 -0.47
C TYR A 37 -5.53 -12.24 0.41
N SER A 38 -4.33 -12.82 0.36
CA SER A 38 -3.83 -13.77 1.36
C SER A 38 -2.66 -13.09 2.09
N GLU A 39 -2.50 -13.39 3.39
CA GLU A 39 -1.41 -12.79 4.20
C GLU A 39 -0.05 -13.36 3.73
N GLU A 40 -0.05 -14.66 3.41
CA GLU A 40 1.18 -15.41 3.04
C GLU A 40 1.86 -14.81 1.78
N ASP A 41 1.07 -14.26 0.87
CA ASP A 41 1.58 -13.58 -0.36
C ASP A 41 2.03 -12.15 -0.04
N ILE A 42 1.07 -11.33 0.42
CA ILE A 42 1.25 -9.87 0.60
C ILE A 42 2.38 -9.54 1.59
N ARG A 43 2.51 -10.36 2.65
CA ARG A 43 3.52 -10.16 3.72
C ARG A 43 4.95 -10.29 3.17
N ARG A 44 5.11 -11.18 2.16
CA ARG A 44 6.37 -11.32 1.41
C ARG A 44 6.70 -9.99 0.70
N TYR A 45 5.69 -9.48 -0.06
CA TYR A 45 5.82 -8.24 -0.87
C TYR A 45 6.21 -7.02 -0.01
N LEU A 46 5.43 -6.75 1.06
CA LEU A 46 5.59 -5.54 1.91
C LEU A 46 6.92 -5.57 2.70
N LYS A 47 7.39 -6.78 3.05
CA LYS A 47 8.66 -6.97 3.78
C LYS A 47 9.84 -6.49 2.91
N LYS A 48 9.92 -7.02 1.68
CA LYS A 48 11.04 -6.77 0.75
C LYS A 48 10.96 -5.36 0.11
N GLN A 49 9.76 -4.75 0.10
CA GLN A 49 9.58 -3.35 -0.32
C GLN A 49 9.93 -2.39 0.84
N GLY A 50 9.96 -2.91 2.08
CA GLY A 50 10.27 -2.12 3.27
C GLY A 50 9.09 -1.29 3.75
N ILE A 51 7.86 -1.70 3.37
CA ILE A 51 6.61 -1.08 3.85
C ILE A 51 6.48 -1.35 5.35
N ASP A 52 6.53 -0.27 6.14
CA ASP A 52 6.51 -0.31 7.61
C ASP A 52 5.17 -0.88 8.13
N ASP A 53 5.23 -1.47 9.34
CA ASP A 53 4.06 -2.07 10.02
C ASP A 53 2.89 -1.08 10.16
N ARG A 54 3.20 0.21 10.37
CA ARG A 54 2.17 1.24 10.53
C ARG A 54 1.56 1.63 9.17
N GLU A 55 2.39 1.62 8.11
CA GLU A 55 1.94 1.95 6.74
C GLU A 55 0.93 0.90 6.21
N VAL A 56 1.22 -0.39 6.48
CA VAL A 56 0.32 -1.49 6.08
C VAL A 56 -0.90 -1.57 7.03
N ASP A 57 -0.70 -1.19 8.31
CA ASP A 57 -1.80 -1.15 9.33
C ASP A 57 -2.97 -0.26 8.83
N ARG A 58 -2.62 0.99 8.48
CA ARG A 58 -3.59 2.00 7.98
C ARG A 58 -4.09 1.66 6.55
N ALA A 59 -3.30 0.88 5.80
CA ALA A 59 -3.62 0.52 4.40
C ALA A 59 -4.73 -0.55 4.33
N ILE A 60 -4.65 -1.55 5.24
CA ILE A 60 -5.68 -2.60 5.38
C ILE A 60 -6.93 -1.99 6.05
N LYS A 61 -6.68 -1.04 6.96
CA LYS A 61 -7.70 -0.32 7.74
C LYS A 61 -8.53 0.64 6.83
N LYS A 62 -7.92 1.03 5.69
CA LYS A 62 -8.58 1.84 4.64
C LYS A 62 -9.74 1.07 3.97
N VAL A 63 -9.66 -0.27 3.99
CA VAL A 63 -10.71 -1.16 3.45
C VAL A 63 -11.96 -1.13 4.36
N GLY A 64 -11.73 -1.08 5.69
CA GLY A 64 -12.80 -1.08 6.69
C GLY A 64 -13.21 0.34 7.16
N MET A 1 7.74 1.34 20.22
CA MET A 1 7.46 1.95 18.89
C MET A 1 8.62 1.66 17.94
N GLY A 2 8.38 0.77 16.97
CA GLY A 2 9.33 0.52 15.88
C GLY A 2 9.29 1.61 14.81
N SER A 3 8.30 2.51 14.91
CA SER A 3 8.22 3.72 14.07
C SER A 3 9.24 4.77 14.57
N SER A 4 10.51 4.55 14.22
CA SER A 4 11.60 5.50 14.49
C SER A 4 11.55 6.63 13.44
N HIS A 5 11.25 6.23 12.19
CA HIS A 5 10.98 7.15 11.08
C HIS A 5 9.64 7.86 11.33
N HIS A 6 9.72 9.18 11.54
CA HIS A 6 8.56 10.03 11.83
C HIS A 6 7.65 10.16 10.59
N HIS A 7 6.34 10.02 10.80
CA HIS A 7 5.35 10.14 9.74
C HIS A 7 5.09 11.63 9.44
N HIS A 8 5.62 12.12 8.30
CA HIS A 8 5.35 13.51 7.84
C HIS A 8 3.92 13.58 7.27
N HIS A 9 3.31 14.78 7.34
CA HIS A 9 1.96 15.00 6.81
C HIS A 9 2.01 14.96 5.26
N HIS A 10 1.77 13.77 4.72
CA HIS A 10 1.86 13.50 3.28
C HIS A 10 0.67 14.12 2.53
N SER A 11 0.89 14.44 1.26
CA SER A 11 -0.15 14.96 0.37
C SER A 11 0.19 14.55 -1.07
N SER A 12 -0.79 13.95 -1.76
CA SER A 12 -0.63 13.50 -3.15
C SER A 12 -0.38 14.68 -4.09
N GLY A 13 -1.31 15.65 -4.07
CA GLY A 13 -1.30 16.76 -5.01
C GLY A 13 -1.61 16.27 -6.43
N LEU A 14 -0.57 15.76 -7.12
CA LEU A 14 -0.68 15.18 -8.48
C LEU A 14 -0.04 13.77 -8.52
N VAL A 15 0.68 13.39 -7.42
CA VAL A 15 1.58 12.22 -7.34
C VAL A 15 2.63 12.28 -8.50
N PRO A 16 3.78 13.02 -8.30
CA PRO A 16 4.77 13.30 -9.39
C PRO A 16 5.49 12.06 -9.95
N ARG A 17 6.41 12.30 -10.90
CA ARG A 17 7.27 11.27 -11.49
C ARG A 17 8.19 10.65 -10.42
N GLY A 18 8.21 9.31 -10.36
CA GLY A 18 8.91 8.59 -9.31
C GLY A 18 8.05 8.47 -8.07
N SER A 19 8.05 9.55 -7.26
CA SER A 19 7.25 9.69 -6.02
C SER A 19 7.45 8.49 -5.07
N HIS A 20 8.65 8.44 -4.44
CA HIS A 20 8.97 7.42 -3.42
C HIS A 20 8.41 7.87 -2.06
N MET A 21 7.08 7.76 -1.97
CA MET A 21 6.27 8.19 -0.83
C MET A 21 4.93 7.41 -0.90
N ASN A 22 4.17 7.37 0.22
CA ASN A 22 3.05 6.41 0.39
C ASN A 22 1.82 6.70 -0.51
N GLU A 23 1.87 7.75 -1.35
CA GLU A 23 0.72 8.20 -2.19
C GLU A 23 0.28 7.10 -3.17
N LYS A 24 1.23 6.65 -4.00
CA LYS A 24 1.00 5.55 -4.97
C LYS A 24 0.98 4.19 -4.25
N VAL A 25 1.65 4.14 -3.08
CA VAL A 25 1.74 2.93 -2.25
C VAL A 25 0.35 2.47 -1.78
N GLU A 26 -0.55 3.46 -1.54
CA GLU A 26 -1.98 3.20 -1.21
C GLU A 26 -2.64 2.32 -2.30
N LYS A 27 -2.42 2.72 -3.56
CA LYS A 27 -3.05 2.06 -4.73
C LYS A 27 -2.45 0.68 -4.97
N ILE A 28 -1.10 0.58 -4.95
CA ILE A 28 -0.38 -0.66 -5.29
C ILE A 28 -0.55 -1.73 -4.19
N VAL A 29 -0.72 -1.30 -2.92
CA VAL A 29 -0.93 -2.24 -1.80
C VAL A 29 -2.36 -2.78 -1.84
N GLU A 30 -3.33 -1.93 -2.20
CA GLU A 30 -4.73 -2.34 -2.37
C GLU A 30 -4.87 -3.21 -3.63
N GLU A 31 -3.95 -3.02 -4.60
CA GLU A 31 -3.95 -3.76 -5.87
C GLU A 31 -3.31 -5.16 -5.71
N LEU A 32 -2.31 -5.30 -4.79
CA LEU A 32 -1.73 -6.63 -4.47
C LEU A 32 -2.71 -7.41 -3.56
N LEU A 33 -3.53 -6.67 -2.79
CA LEU A 33 -4.73 -7.23 -2.15
C LEU A 33 -5.76 -7.69 -3.20
N ARG A 34 -5.94 -6.87 -4.25
CA ARG A 34 -6.96 -7.10 -5.31
C ARG A 34 -6.67 -8.40 -6.11
N ARG A 35 -5.44 -8.94 -5.94
CA ARG A 35 -4.99 -10.20 -6.57
C ARG A 35 -5.34 -11.45 -5.71
N GLY A 36 -6.36 -11.33 -4.83
CA GLY A 36 -6.87 -12.49 -4.05
C GLY A 36 -6.09 -12.74 -2.76
N TYR A 37 -5.65 -11.64 -2.12
CA TYR A 37 -4.73 -11.59 -0.96
C TYR A 37 -4.90 -12.70 0.10
N SER A 38 -3.77 -13.13 0.64
CA SER A 38 -3.68 -13.83 1.93
C SER A 38 -2.64 -13.07 2.78
N GLU A 39 -2.67 -13.27 4.12
CA GLU A 39 -1.76 -12.59 5.07
C GLU A 39 -0.29 -12.84 4.73
N GLU A 40 0.00 -14.06 4.23
CA GLU A 40 1.36 -14.47 3.84
C GLU A 40 1.87 -13.64 2.65
N ASP A 41 0.98 -13.43 1.66
CA ASP A 41 1.28 -12.61 0.46
C ASP A 41 1.57 -11.16 0.84
N ILE A 42 0.68 -10.59 1.66
CA ILE A 42 0.77 -9.19 2.08
C ILE A 42 2.07 -8.93 2.87
N ARG A 43 2.37 -9.84 3.84
CA ARG A 43 3.59 -9.79 4.67
C ARG A 43 4.87 -9.86 3.80
N ARG A 44 4.85 -10.77 2.82
CA ARG A 44 5.94 -10.99 1.87
C ARG A 44 6.18 -9.72 1.01
N TYR A 45 5.08 -9.18 0.48
CA TYR A 45 5.10 -8.04 -0.45
C TYR A 45 5.58 -6.76 0.23
N LEU A 46 5.07 -6.47 1.45
CA LEU A 46 5.47 -5.24 2.20
C LEU A 46 6.94 -5.30 2.63
N LYS A 47 7.45 -6.52 2.84
CA LYS A 47 8.86 -6.74 3.22
C LYS A 47 9.80 -6.35 2.06
N LYS A 48 9.53 -6.88 0.85
CA LYS A 48 10.35 -6.60 -0.35
C LYS A 48 10.05 -5.22 -0.97
N GLN A 49 8.90 -4.62 -0.60
CA GLN A 49 8.52 -3.24 -1.01
C GLN A 49 9.20 -2.22 -0.07
N GLY A 50 9.60 -2.69 1.12
CA GLY A 50 10.33 -1.88 2.10
C GLY A 50 9.41 -1.00 2.94
N ILE A 51 8.15 -1.43 3.10
CA ILE A 51 7.15 -0.75 3.94
C ILE A 51 7.11 -1.44 5.32
N ASP A 52 6.83 -0.66 6.39
CA ASP A 52 6.61 -1.21 7.74
C ASP A 52 5.30 -2.05 7.76
N ASP A 53 5.30 -3.14 8.54
CA ASP A 53 4.18 -4.11 8.58
C ASP A 53 2.90 -3.48 9.17
N ARG A 54 3.08 -2.78 10.31
CA ARG A 54 1.98 -2.09 11.00
C ARG A 54 1.50 -0.87 10.19
N GLU A 55 2.38 -0.33 9.32
CA GLU A 55 2.05 0.79 8.43
C GLU A 55 1.06 0.33 7.34
N VAL A 56 1.28 -0.88 6.80
CA VAL A 56 0.36 -1.50 5.84
C VAL A 56 -0.96 -1.85 6.53
N ASP A 57 -0.86 -2.37 7.77
CA ASP A 57 -2.05 -2.74 8.58
C ASP A 57 -2.99 -1.54 8.75
N ARG A 58 -2.43 -0.37 9.12
CA ARG A 58 -3.21 0.87 9.33
C ARG A 58 -3.62 1.50 7.98
N ALA A 59 -2.89 1.17 6.88
CA ALA A 59 -3.22 1.66 5.51
C ALA A 59 -4.45 0.92 4.94
N ILE A 60 -4.64 -0.36 5.32
CA ILE A 60 -5.81 -1.15 4.89
C ILE A 60 -7.05 -0.79 5.74
N LYS A 61 -6.81 -0.18 6.92
CA LYS A 61 -7.90 0.40 7.74
C LYS A 61 -8.44 1.68 7.06
N LYS A 62 -7.57 2.37 6.31
CA LYS A 62 -7.90 3.62 5.60
C LYS A 62 -8.89 3.38 4.44
N VAL A 63 -8.76 2.20 3.78
CA VAL A 63 -9.61 1.84 2.62
C VAL A 63 -11.04 1.46 3.08
N GLY A 64 -11.17 1.12 4.39
CA GLY A 64 -12.47 0.84 5.01
C GLY A 64 -12.94 1.98 5.93
N MET A 1 28.74 -2.31 -34.36
CA MET A 1 28.98 -1.05 -33.63
C MET A 1 27.95 -0.92 -32.50
N GLY A 2 28.43 -0.87 -31.25
CA GLY A 2 27.58 -0.80 -30.06
C GLY A 2 28.35 -1.13 -28.79
N SER A 3 27.70 -0.93 -27.63
CA SER A 3 28.29 -1.17 -26.31
C SER A 3 27.18 -1.29 -25.25
N SER A 4 27.38 -2.18 -24.26
CA SER A 4 26.38 -2.48 -23.22
C SER A 4 26.23 -1.31 -22.21
N HIS A 5 25.05 -1.22 -21.60
CA HIS A 5 24.72 -0.17 -20.61
C HIS A 5 24.02 -0.82 -19.40
N HIS A 6 24.74 -0.92 -18.28
CA HIS A 6 24.26 -1.58 -17.05
C HIS A 6 24.76 -0.82 -15.82
N HIS A 7 23.97 -0.83 -14.73
CA HIS A 7 24.34 -0.26 -13.43
C HIS A 7 23.89 -1.18 -12.29
N HIS A 8 24.46 -0.95 -11.10
CA HIS A 8 24.12 -1.69 -9.87
C HIS A 8 23.99 -0.68 -8.71
N HIS A 9 22.73 -0.35 -8.35
CA HIS A 9 22.42 0.68 -7.32
C HIS A 9 22.72 0.17 -5.90
N HIS A 10 22.70 1.10 -4.95
CA HIS A 10 22.92 0.83 -3.52
C HIS A 10 21.81 1.52 -2.69
N SER A 11 20.62 0.89 -2.71
CA SER A 11 19.43 1.39 -1.99
C SER A 11 19.59 1.15 -0.47
N SER A 12 19.25 2.17 0.33
CA SER A 12 19.27 2.11 1.80
C SER A 12 17.82 2.12 2.32
N GLY A 13 17.22 0.92 2.41
CA GLY A 13 15.83 0.76 2.84
C GLY A 13 15.61 1.12 4.30
N LEU A 14 14.83 2.18 4.55
CA LEU A 14 14.54 2.68 5.90
C LEU A 14 13.04 3.00 6.00
N VAL A 15 12.29 2.10 6.67
CA VAL A 15 10.82 2.19 6.82
C VAL A 15 10.39 3.46 7.63
N PRO A 16 9.59 4.40 7.03
CA PRO A 16 8.96 5.50 7.79
C PRO A 16 7.79 4.97 8.65
N ARG A 17 7.98 4.96 9.99
CA ARG A 17 6.98 4.45 10.94
C ARG A 17 5.73 5.34 10.93
N GLY A 18 4.79 5.00 10.02
CA GLY A 18 3.67 5.85 9.69
C GLY A 18 4.15 7.15 9.04
N SER A 19 4.03 8.25 9.81
CA SER A 19 4.51 9.61 9.42
C SER A 19 3.75 10.19 8.18
N HIS A 20 2.62 9.53 7.79
CA HIS A 20 1.71 9.96 6.69
C HIS A 20 2.42 9.98 5.32
N MET A 21 3.33 9.01 5.13
CA MET A 21 4.14 8.86 3.92
C MET A 21 3.71 7.59 3.15
N ASN A 22 4.63 7.01 2.34
CA ASN A 22 4.46 5.65 1.73
C ASN A 22 3.30 5.65 0.69
N GLU A 23 2.95 6.85 0.15
CA GLU A 23 1.74 7.07 -0.67
C GLU A 23 1.72 6.25 -2.00
N LYS A 24 2.88 6.20 -2.70
CA LYS A 24 3.03 5.40 -3.94
C LYS A 24 2.76 3.90 -3.65
N VAL A 25 3.25 3.49 -2.48
CA VAL A 25 3.16 2.13 -2.00
C VAL A 25 1.73 1.84 -1.51
N GLU A 26 1.06 2.88 -0.96
CA GLU A 26 -0.33 2.80 -0.50
C GLU A 26 -1.27 2.43 -1.67
N LYS A 27 -0.91 2.87 -2.88
CA LYS A 27 -1.69 2.60 -4.09
C LYS A 27 -1.49 1.13 -4.55
N ILE A 28 -0.22 0.67 -4.56
CA ILE A 28 0.13 -0.69 -5.06
C ILE A 28 -0.19 -1.79 -4.02
N VAL A 29 -0.21 -1.43 -2.72
CA VAL A 29 -0.61 -2.35 -1.63
C VAL A 29 -2.14 -2.47 -1.60
N GLU A 30 -2.82 -1.36 -1.96
CA GLU A 30 -4.29 -1.32 -2.16
C GLU A 30 -4.70 -2.36 -3.21
N GLU A 31 -3.92 -2.39 -4.32
CA GLU A 31 -4.15 -3.32 -5.42
C GLU A 31 -3.78 -4.77 -5.02
N LEU A 32 -2.67 -4.94 -4.26
CA LEU A 32 -2.21 -6.25 -3.78
C LEU A 32 -3.32 -6.90 -2.91
N LEU A 33 -3.93 -6.09 -2.05
CA LEU A 33 -5.08 -6.48 -1.22
C LEU A 33 -6.31 -6.80 -2.11
N ARG A 34 -6.60 -5.91 -3.06
CA ARG A 34 -7.78 -6.01 -3.94
C ARG A 34 -7.74 -7.25 -4.86
N ARG A 35 -6.52 -7.79 -5.08
CA ARG A 35 -6.30 -8.94 -5.97
C ARG A 35 -6.14 -10.27 -5.19
N GLY A 36 -6.82 -10.40 -4.03
CA GLY A 36 -6.90 -11.69 -3.32
C GLY A 36 -6.12 -11.76 -2.02
N TYR A 37 -6.15 -10.63 -1.26
CA TYR A 37 -5.42 -10.45 0.03
C TYR A 37 -5.29 -11.75 0.88
N SER A 38 -4.07 -12.29 0.94
CA SER A 38 -3.71 -13.42 1.80
C SER A 38 -2.46 -13.03 2.58
N GLU A 39 -2.33 -13.53 3.82
CA GLU A 39 -1.25 -13.17 4.76
C GLU A 39 0.14 -13.42 4.14
N GLU A 40 0.30 -14.64 3.57
CA GLU A 40 1.57 -15.08 2.93
C GLU A 40 1.96 -14.20 1.71
N ASP A 41 0.95 -13.71 0.97
CA ASP A 41 1.16 -12.87 -0.24
C ASP A 41 1.51 -11.43 0.13
N ILE A 42 0.74 -10.85 1.09
CA ILE A 42 0.92 -9.46 1.54
C ILE A 42 2.27 -9.30 2.26
N ARG A 43 2.56 -10.23 3.18
CA ARG A 43 3.79 -10.24 4.00
C ARG A 43 5.05 -10.43 3.15
N ARG A 44 4.95 -11.27 2.10
CA ARG A 44 6.05 -11.50 1.14
C ARG A 44 6.35 -10.21 0.34
N TYR A 45 5.26 -9.51 -0.06
CA TYR A 45 5.36 -8.30 -0.87
C TYR A 45 5.94 -7.13 -0.05
N LEU A 46 5.43 -6.96 1.20
CA LEU A 46 5.87 -5.86 2.10
C LEU A 46 7.31 -6.08 2.60
N LYS A 47 7.74 -7.35 2.63
CA LYS A 47 9.11 -7.74 3.01
C LYS A 47 10.13 -7.20 2.00
N LYS A 48 9.80 -7.37 0.71
CA LYS A 48 10.66 -6.90 -0.40
C LYS A 48 10.56 -5.36 -0.50
N GLN A 49 9.32 -4.86 -0.53
CA GLN A 49 9.01 -3.42 -0.73
C GLN A 49 9.48 -2.57 0.45
N GLY A 50 9.59 -3.17 1.64
CA GLY A 50 9.93 -2.44 2.85
C GLY A 50 8.79 -1.53 3.30
N ILE A 51 7.54 -2.06 3.26
CA ILE A 51 6.37 -1.34 3.76
C ILE A 51 6.37 -1.42 5.30
N ASP A 52 6.25 -0.26 5.96
CA ASP A 52 6.21 -0.18 7.42
C ASP A 52 4.94 -0.86 7.98
N ASP A 53 5.05 -1.44 9.20
CA ASP A 53 3.95 -2.21 9.82
C ASP A 53 2.73 -1.33 10.19
N ARG A 54 2.99 -0.10 10.63
CA ARG A 54 1.93 0.85 11.06
C ARG A 54 1.20 1.38 9.82
N GLU A 55 1.96 1.65 8.74
CA GLU A 55 1.41 2.23 7.50
C GLU A 55 0.65 1.17 6.67
N VAL A 56 1.16 -0.08 6.68
CA VAL A 56 0.48 -1.21 6.00
C VAL A 56 -0.80 -1.60 6.76
N ASP A 57 -0.81 -1.33 8.08
CA ASP A 57 -2.02 -1.48 8.92
C ASP A 57 -3.12 -0.50 8.46
N ARG A 58 -2.73 0.78 8.17
CA ARG A 58 -3.68 1.78 7.64
C ARG A 58 -4.18 1.34 6.24
N ALA A 59 -3.30 0.63 5.50
CA ALA A 59 -3.61 0.08 4.16
C ALA A 59 -4.65 -1.06 4.25
N ILE A 60 -4.59 -1.85 5.33
CA ILE A 60 -5.61 -2.89 5.63
C ILE A 60 -6.95 -2.20 6.00
N LYS A 61 -6.85 -1.04 6.68
CA LYS A 61 -8.02 -0.27 7.12
C LYS A 61 -8.70 0.44 5.92
N LYS A 62 -7.94 0.64 4.82
CA LYS A 62 -8.47 1.21 3.55
C LYS A 62 -9.62 0.36 3.00
N VAL A 63 -9.52 -0.96 3.20
CA VAL A 63 -10.55 -1.93 2.80
C VAL A 63 -11.85 -1.69 3.61
N GLY A 64 -11.68 -1.38 4.90
CA GLY A 64 -12.80 -1.09 5.80
C GLY A 64 -12.39 -1.16 7.27
N MET A 1 -46.91 16.09 -0.75
CA MET A 1 -46.72 15.64 -2.15
C MET A 1 -45.45 16.29 -2.71
N GLY A 2 -44.55 15.45 -3.27
CA GLY A 2 -43.29 15.91 -3.85
C GLY A 2 -42.25 14.79 -3.82
N SER A 3 -41.50 14.62 -4.92
CA SER A 3 -40.48 13.58 -5.05
C SER A 3 -39.28 14.11 -5.85
N SER A 4 -38.11 14.14 -5.20
CA SER A 4 -36.84 14.52 -5.82
C SER A 4 -36.27 13.34 -6.64
N HIS A 5 -35.45 13.64 -7.65
CA HIS A 5 -34.88 12.61 -8.55
C HIS A 5 -33.37 12.80 -8.69
N HIS A 6 -32.59 12.03 -7.90
CA HIS A 6 -31.11 12.02 -8.00
C HIS A 6 -30.69 11.04 -9.10
N HIS A 7 -29.74 11.47 -9.95
CA HIS A 7 -29.14 10.62 -10.99
C HIS A 7 -27.69 11.10 -11.22
N HIS A 8 -26.73 10.24 -10.84
CA HIS A 8 -25.30 10.51 -11.03
C HIS A 8 -24.97 10.26 -12.53
N HIS A 9 -24.46 11.32 -13.20
CA HIS A 9 -24.25 11.31 -14.67
C HIS A 9 -23.24 10.23 -15.11
N HIS A 10 -22.19 10.02 -14.27
CA HIS A 10 -21.25 8.89 -14.40
C HIS A 10 -20.54 8.68 -13.04
N SER A 11 -20.78 7.51 -12.42
CA SER A 11 -20.25 7.17 -11.09
C SER A 11 -18.73 6.88 -11.15
N SER A 12 -18.25 6.46 -12.32
CA SER A 12 -16.82 6.23 -12.58
C SER A 12 -16.10 7.60 -12.63
N GLY A 13 -15.40 7.95 -11.53
CA GLY A 13 -14.68 9.22 -11.41
C GLY A 13 -13.52 9.12 -10.42
N LEU A 14 -12.66 8.10 -10.64
CA LEU A 14 -11.51 7.82 -9.76
C LEU A 14 -10.38 8.84 -9.98
N VAL A 15 -10.32 9.39 -11.22
CA VAL A 15 -9.31 10.37 -11.69
C VAL A 15 -7.87 10.13 -11.11
N PRO A 16 -7.17 9.05 -11.57
CA PRO A 16 -5.80 8.71 -11.09
C PRO A 16 -4.76 9.75 -11.55
N ARG A 17 -3.79 10.04 -10.66
CA ARG A 17 -2.75 11.05 -10.89
C ARG A 17 -1.44 10.58 -10.22
N GLY A 18 -0.29 10.91 -10.86
CA GLY A 18 1.03 10.54 -10.35
C GLY A 18 1.41 11.36 -9.12
N SER A 19 1.17 10.79 -7.93
CA SER A 19 1.31 11.48 -6.64
C SER A 19 2.29 10.75 -5.71
N HIS A 20 3.31 11.48 -5.19
CA HIS A 20 4.21 10.97 -4.13
C HIS A 20 3.50 11.15 -2.77
N MET A 21 2.49 10.31 -2.55
CA MET A 21 1.58 10.40 -1.38
C MET A 21 1.38 9.00 -0.80
N ASN A 22 0.93 8.91 0.47
CA ASN A 22 0.72 7.60 1.15
C ASN A 22 -0.46 6.86 0.51
N GLU A 23 -1.38 7.62 -0.14
CA GLU A 23 -2.52 7.06 -0.88
C GLU A 23 -2.08 6.13 -2.01
N LYS A 24 -0.90 6.45 -2.61
CA LYS A 24 -0.26 5.60 -3.64
C LYS A 24 0.22 4.29 -3.01
N VAL A 25 0.84 4.41 -1.81
CA VAL A 25 1.37 3.25 -1.05
C VAL A 25 0.22 2.31 -0.64
N GLU A 26 -0.90 2.94 -0.24
CA GLU A 26 -2.12 2.25 0.17
C GLU A 26 -2.82 1.61 -1.04
N LYS A 27 -2.62 2.19 -2.25
CA LYS A 27 -3.23 1.70 -3.49
C LYS A 27 -2.42 0.56 -4.13
N ILE A 28 -1.07 0.54 -3.94
CA ILE A 28 -0.21 -0.52 -4.51
C ILE A 28 -0.35 -1.82 -3.71
N VAL A 29 -0.51 -1.72 -2.36
CA VAL A 29 -0.83 -2.88 -1.52
C VAL A 29 -2.28 -3.33 -1.77
N GLU A 30 -3.16 -2.33 -2.03
CA GLU A 30 -4.57 -2.58 -2.38
C GLU A 30 -4.68 -3.39 -3.67
N GLU A 31 -3.93 -3.01 -4.74
CA GLU A 31 -4.09 -3.60 -6.07
C GLU A 31 -3.51 -5.03 -6.13
N LEU A 32 -2.41 -5.29 -5.36
CA LEU A 32 -1.86 -6.66 -5.27
C LEU A 32 -2.78 -7.54 -4.40
N LEU A 33 -3.54 -6.90 -3.48
CA LEU A 33 -4.65 -7.54 -2.74
C LEU A 33 -5.83 -7.84 -3.69
N ARG A 34 -6.07 -6.93 -4.66
CA ARG A 34 -7.16 -7.07 -5.66
C ARG A 34 -6.87 -8.21 -6.67
N ARG A 35 -5.62 -8.70 -6.70
CA ARG A 35 -5.23 -9.85 -7.56
C ARG A 35 -5.82 -11.16 -6.98
N GLY A 36 -6.09 -11.17 -5.66
CA GLY A 36 -6.69 -12.32 -4.97
C GLY A 36 -5.74 -12.97 -3.97
N TYR A 37 -4.58 -12.32 -3.70
CA TYR A 37 -3.61 -12.81 -2.71
C TYR A 37 -4.19 -12.68 -1.29
N SER A 38 -3.79 -13.62 -0.41
CA SER A 38 -4.26 -13.69 0.98
C SER A 38 -3.37 -12.82 1.90
N GLU A 39 -3.91 -12.47 3.09
CA GLU A 39 -3.33 -11.49 4.03
C GLU A 39 -1.84 -11.75 4.34
N GLU A 40 -1.50 -12.99 4.73
CA GLU A 40 -0.11 -13.32 5.12
C GLU A 40 0.84 -13.19 3.90
N ASP A 41 0.35 -13.59 2.71
CA ASP A 41 1.12 -13.57 1.45
C ASP A 41 1.45 -12.11 1.04
N ILE A 42 0.43 -11.25 1.19
CA ILE A 42 0.52 -9.79 1.00
C ILE A 42 1.55 -9.18 1.95
N ARG A 43 1.48 -9.61 3.23
CA ARG A 43 2.33 -9.07 4.30
C ARG A 43 3.83 -9.41 4.04
N ARG A 44 4.09 -10.54 3.34
CA ARG A 44 5.45 -10.94 2.92
C ARG A 44 5.97 -10.03 1.78
N TYR A 45 5.08 -9.66 0.82
CA TYR A 45 5.44 -8.70 -0.26
C TYR A 45 5.97 -7.40 0.35
N LEU A 46 5.13 -6.77 1.18
CA LEU A 46 5.40 -5.44 1.76
C LEU A 46 6.56 -5.48 2.76
N LYS A 47 6.82 -6.67 3.32
CA LYS A 47 7.99 -6.92 4.17
C LYS A 47 9.29 -6.79 3.33
N LYS A 48 9.33 -7.49 2.18
CA LYS A 48 10.51 -7.48 1.26
C LYS A 48 10.53 -6.26 0.33
N GLN A 49 9.43 -5.46 0.34
CA GLN A 49 9.39 -4.15 -0.35
C GLN A 49 10.17 -3.09 0.47
N GLY A 50 10.39 -3.39 1.76
CA GLY A 50 11.07 -2.47 2.67
C GLY A 50 10.18 -1.33 3.14
N ILE A 51 8.87 -1.46 2.91
CA ILE A 51 7.86 -0.48 3.37
C ILE A 51 7.56 -0.75 4.85
N ASP A 52 7.49 0.35 5.64
CA ASP A 52 7.20 0.30 7.09
C ASP A 52 5.93 -0.53 7.34
N ASP A 53 6.01 -1.46 8.29
CA ASP A 53 4.92 -2.42 8.57
C ASP A 53 3.62 -1.69 8.96
N ARG A 54 3.76 -0.54 9.65
CA ARG A 54 2.62 0.31 10.05
C ARG A 54 2.12 1.23 8.91
N GLU A 55 3.00 1.55 7.94
CA GLU A 55 2.64 2.37 6.75
C GLU A 55 1.68 1.59 5.83
N VAL A 56 1.94 0.28 5.66
CA VAL A 56 1.05 -0.63 4.92
C VAL A 56 -0.15 -1.04 5.80
N ASP A 57 0.08 -1.18 7.12
CA ASP A 57 -0.97 -1.60 8.09
C ASP A 57 -2.14 -0.61 8.11
N ARG A 58 -1.82 0.70 7.96
CA ARG A 58 -2.84 1.78 8.01
C ARG A 58 -3.83 1.66 6.84
N ALA A 59 -3.34 1.15 5.68
CA ALA A 59 -4.14 0.97 4.46
C ALA A 59 -5.31 0.03 4.72
N ILE A 60 -4.98 -1.18 5.19
CA ILE A 60 -5.93 -2.27 5.43
C ILE A 60 -6.80 -1.98 6.68
N LYS A 61 -6.24 -1.20 7.62
CA LYS A 61 -6.92 -0.82 8.88
C LYS A 61 -7.87 0.39 8.66
N LYS A 62 -7.66 1.14 7.57
CA LYS A 62 -8.49 2.31 7.20
C LYS A 62 -9.67 1.87 6.31
N VAL A 63 -9.37 1.05 5.29
CA VAL A 63 -10.36 0.59 4.30
C VAL A 63 -11.31 -0.48 4.92
N GLY A 64 -10.82 -1.22 5.93
CA GLY A 64 -11.61 -2.27 6.60
C GLY A 64 -11.02 -2.69 7.95
N MET A 1 -11.71 9.58 6.30
CA MET A 1 -10.61 8.90 5.60
C MET A 1 -11.18 7.95 4.53
N GLY A 2 -10.38 7.66 3.49
CA GLY A 2 -10.82 6.80 2.40
C GLY A 2 -9.65 6.15 1.65
N SER A 3 -9.98 5.07 0.91
CA SER A 3 -9.06 4.39 0.00
C SER A 3 -8.83 5.26 -1.25
N SER A 4 -7.78 4.95 -2.03
CA SER A 4 -7.49 5.68 -3.28
C SER A 4 -8.53 5.30 -4.36
N HIS A 5 -9.62 6.09 -4.40
CA HIS A 5 -10.70 5.96 -5.39
C HIS A 5 -10.33 6.78 -6.64
N HIS A 6 -9.59 6.14 -7.55
CA HIS A 6 -9.00 6.81 -8.73
C HIS A 6 -9.26 6.00 -10.02
N HIS A 7 -9.04 6.66 -11.16
CA HIS A 7 -9.19 6.04 -12.50
C HIS A 7 -8.01 5.08 -12.79
N HIS A 8 -8.31 3.95 -13.48
CA HIS A 8 -7.27 2.97 -13.89
C HIS A 8 -6.28 3.61 -14.91
N HIS A 9 -5.00 3.22 -14.79
CA HIS A 9 -3.90 3.77 -15.58
C HIS A 9 -2.90 2.68 -15.94
N HIS A 10 -2.36 2.77 -17.17
CA HIS A 10 -1.25 1.93 -17.63
C HIS A 10 0.07 2.56 -17.13
N SER A 11 0.59 2.01 -16.02
CA SER A 11 1.85 2.46 -15.44
C SER A 11 3.02 2.13 -16.39
N SER A 12 3.81 3.18 -16.73
CA SER A 12 4.89 3.07 -17.71
C SER A 12 5.99 4.13 -17.44
N GLY A 13 7.19 3.83 -17.94
CA GLY A 13 8.37 4.68 -17.78
C GLY A 13 9.64 3.86 -17.92
N LEU A 14 9.58 2.85 -18.82
CA LEU A 14 10.59 1.78 -19.00
C LEU A 14 10.72 0.91 -17.72
N VAL A 15 11.42 1.45 -16.70
CA VAL A 15 11.65 0.76 -15.43
C VAL A 15 11.86 1.81 -14.30
N PRO A 16 10.92 1.89 -13.30
CA PRO A 16 11.02 2.84 -12.17
C PRO A 16 11.72 2.22 -10.93
N ARG A 17 12.79 1.44 -11.17
CA ARG A 17 13.62 0.86 -10.09
C ARG A 17 14.44 2.00 -9.43
N GLY A 18 14.30 2.14 -8.12
CA GLY A 18 14.99 3.18 -7.34
C GLY A 18 14.15 4.44 -7.15
N SER A 19 12.91 4.42 -7.71
CA SER A 19 11.94 5.52 -7.55
C SER A 19 11.40 5.53 -6.11
N HIS A 20 11.45 6.72 -5.49
CA HIS A 20 11.05 6.90 -4.07
C HIS A 20 9.64 7.51 -3.95
N MET A 21 8.89 7.54 -5.07
CA MET A 21 7.51 8.08 -5.08
C MET A 21 6.56 7.17 -4.27
N ASN A 22 6.25 7.62 -3.05
CA ASN A 22 5.40 6.90 -2.08
C ASN A 22 4.02 6.59 -2.65
N GLU A 23 3.51 7.47 -3.55
CA GLU A 23 2.21 7.33 -4.22
C GLU A 23 2.06 5.94 -4.87
N LYS A 24 3.05 5.56 -5.70
CA LYS A 24 3.04 4.28 -6.42
C LYS A 24 3.14 3.11 -5.43
N VAL A 25 4.06 3.26 -4.46
CA VAL A 25 4.42 2.20 -3.50
C VAL A 25 3.24 1.84 -2.55
N GLU A 26 2.49 2.87 -2.15
CA GLU A 26 1.35 2.72 -1.22
C GLU A 26 0.13 2.13 -1.96
N LYS A 27 -0.08 2.55 -3.24
CA LYS A 27 -1.25 2.09 -4.02
C LYS A 27 -1.09 0.66 -4.52
N ILE A 28 0.16 0.21 -4.74
CA ILE A 28 0.43 -1.18 -5.17
C ILE A 28 0.26 -2.18 -4.01
N VAL A 29 0.78 -1.83 -2.80
CA VAL A 29 0.61 -2.69 -1.60
C VAL A 29 -0.87 -2.71 -1.16
N GLU A 30 -1.58 -1.59 -1.40
CA GLU A 30 -3.04 -1.48 -1.18
C GLU A 30 -3.81 -2.31 -2.24
N GLU A 31 -3.31 -2.28 -3.49
CA GLU A 31 -4.01 -2.89 -4.64
C GLU A 31 -4.07 -4.41 -4.50
N LEU A 32 -2.91 -5.06 -4.33
CA LEU A 32 -2.84 -6.54 -4.17
C LEU A 32 -3.60 -7.01 -2.89
N LEU A 33 -3.67 -6.12 -1.89
CA LEU A 33 -4.45 -6.36 -0.68
C LEU A 33 -5.97 -6.37 -1.02
N ARG A 34 -6.43 -5.37 -1.81
CA ARG A 34 -7.86 -5.22 -2.19
C ARG A 34 -8.23 -6.17 -3.36
N ARG A 35 -7.21 -6.83 -3.97
CA ARG A 35 -7.42 -7.90 -4.98
C ARG A 35 -7.71 -9.25 -4.30
N GLY A 36 -7.60 -9.28 -2.95
CA GLY A 36 -7.99 -10.45 -2.16
C GLY A 36 -6.95 -11.55 -2.14
N TYR A 37 -5.65 -11.18 -2.20
CA TYR A 37 -4.54 -12.13 -2.01
C TYR A 37 -4.44 -12.57 -0.55
N SER A 38 -3.80 -13.73 -0.32
CA SER A 38 -3.59 -14.29 1.02
C SER A 38 -2.48 -13.53 1.74
N GLU A 39 -2.50 -13.56 3.10
CA GLU A 39 -1.54 -12.84 3.95
C GLU A 39 -0.09 -13.23 3.61
N GLU A 40 0.16 -14.54 3.45
CA GLU A 40 1.51 -15.10 3.12
C GLU A 40 2.14 -14.41 1.89
N ASP A 41 1.30 -14.11 0.90
CA ASP A 41 1.70 -13.45 -0.35
C ASP A 41 2.01 -11.95 -0.11
N ILE A 42 1.11 -11.31 0.65
CA ILE A 42 1.14 -9.85 0.89
C ILE A 42 2.33 -9.45 1.79
N ARG A 43 2.49 -10.14 2.95
CA ARG A 43 3.56 -9.86 3.92
C ARG A 43 4.95 -10.14 3.34
N ARG A 44 5.02 -11.09 2.38
CA ARG A 44 6.25 -11.39 1.63
C ARG A 44 6.65 -10.18 0.77
N TYR A 45 5.67 -9.67 0.00
CA TYR A 45 5.88 -8.54 -0.92
C TYR A 45 6.31 -7.29 -0.16
N LEU A 46 5.54 -6.92 0.88
CA LEU A 46 5.75 -5.68 1.65
C LEU A 46 7.05 -5.74 2.47
N LYS A 47 7.51 -6.96 2.79
CA LYS A 47 8.80 -7.20 3.49
C LYS A 47 9.94 -6.75 2.55
N LYS A 48 9.89 -7.25 1.31
CA LYS A 48 10.86 -6.90 0.25
C LYS A 48 10.73 -5.41 -0.14
N GLN A 49 9.48 -4.92 -0.14
CA GLN A 49 9.11 -3.55 -0.59
C GLN A 49 9.53 -2.49 0.45
N GLY A 50 9.69 -2.94 1.71
CA GLY A 50 10.08 -2.05 2.81
C GLY A 50 8.92 -1.20 3.32
N ILE A 51 7.71 -1.79 3.30
CA ILE A 51 6.49 -1.17 3.84
C ILE A 51 6.48 -1.33 5.37
N ASP A 52 6.22 -0.22 6.08
CA ASP A 52 6.07 -0.20 7.54
C ASP A 52 4.74 -0.89 7.95
N ASP A 53 4.68 -1.36 9.21
CA ASP A 53 3.49 -2.02 9.79
C ASP A 53 2.23 -1.13 9.68
N ARG A 54 2.38 0.16 10.04
CA ARG A 54 1.26 1.15 9.99
C ARG A 54 0.97 1.60 8.54
N GLU A 55 1.99 1.52 7.66
CA GLU A 55 1.89 1.94 6.24
C GLU A 55 0.97 0.98 5.45
N VAL A 56 1.02 -0.32 5.78
CA VAL A 56 0.03 -1.30 5.26
C VAL A 56 -1.27 -1.31 6.11
N ASP A 57 -1.15 -1.06 7.43
CA ASP A 57 -2.30 -1.12 8.39
C ASP A 57 -3.41 -0.10 8.06
N ARG A 58 -3.02 1.07 7.52
CA ARG A 58 -3.98 2.11 7.05
C ARG A 58 -4.91 1.56 5.93
N ALA A 59 -4.34 0.70 5.06
CA ALA A 59 -5.08 0.04 3.96
C ALA A 59 -6.01 -1.07 4.51
N ILE A 60 -5.46 -1.88 5.45
CA ILE A 60 -6.20 -2.97 6.14
C ILE A 60 -7.46 -2.41 6.85
N LYS A 61 -7.26 -1.28 7.53
CA LYS A 61 -8.25 -0.63 8.39
C LYS A 61 -9.39 -0.02 7.55
N LYS A 62 -9.07 0.34 6.30
CA LYS A 62 -9.98 1.09 5.43
C LYS A 62 -10.79 0.19 4.50
N VAL A 63 -10.18 -0.90 3.99
CA VAL A 63 -10.88 -1.87 3.10
C VAL A 63 -12.00 -2.63 3.85
N GLY A 64 -11.87 -2.69 5.19
CA GLY A 64 -12.90 -3.27 6.06
C GLY A 64 -14.07 -2.30 6.33
N MET A 1 36.78 -1.84 8.48
CA MET A 1 37.15 -2.33 7.12
C MET A 1 36.03 -2.05 6.10
N GLY A 2 34.99 -1.30 6.51
CA GLY A 2 33.87 -0.95 5.65
C GLY A 2 32.57 -0.69 6.42
N SER A 3 31.63 0.03 5.79
CA SER A 3 30.31 0.36 6.37
C SER A 3 29.31 0.70 5.25
N SER A 4 28.16 -0.01 5.24
CA SER A 4 27.13 0.12 4.21
C SER A 4 26.38 1.47 4.31
N HIS A 5 26.67 2.38 3.35
CA HIS A 5 26.01 3.69 3.24
C HIS A 5 24.88 3.65 2.21
N HIS A 6 23.85 4.49 2.44
CA HIS A 6 22.58 4.44 1.68
C HIS A 6 21.85 5.81 1.79
N HIS A 7 21.77 6.54 0.66
CA HIS A 7 21.07 7.84 0.60
C HIS A 7 19.59 7.64 0.25
N HIS A 8 18.75 8.61 0.67
CA HIS A 8 17.32 8.65 0.37
C HIS A 8 16.92 10.10 0.05
N HIS A 9 16.51 10.34 -1.21
CA HIS A 9 16.24 11.70 -1.73
C HIS A 9 14.77 12.10 -1.57
N HIS A 10 14.52 13.42 -1.70
CA HIS A 10 13.16 13.99 -1.73
C HIS A 10 13.04 14.91 -2.97
N SER A 11 12.46 14.35 -4.04
CA SER A 11 12.16 15.07 -5.27
C SER A 11 10.97 16.03 -5.06
N SER A 12 11.11 17.28 -5.54
CA SER A 12 10.07 18.32 -5.44
C SER A 12 8.82 17.92 -6.26
N GLY A 13 7.65 17.96 -5.59
CA GLY A 13 6.38 17.57 -6.21
C GLY A 13 6.07 16.08 -6.06
N LEU A 14 4.88 15.67 -6.55
CA LEU A 14 4.42 14.27 -6.53
C LEU A 14 5.28 13.42 -7.51
N VAL A 15 5.60 14.03 -8.68
CA VAL A 15 6.43 13.39 -9.74
C VAL A 15 7.82 12.97 -9.16
N PRO A 16 8.05 11.64 -8.90
CA PRO A 16 9.21 11.15 -8.14
C PRO A 16 10.42 10.71 -9.01
N ARG A 17 11.62 11.18 -8.63
CA ARG A 17 12.91 10.69 -9.18
C ARG A 17 13.48 9.62 -8.25
N GLY A 18 13.27 9.79 -6.93
CA GLY A 18 13.72 8.83 -5.92
C GLY A 18 13.00 9.04 -4.59
N SER A 19 11.67 9.22 -4.70
CA SER A 19 10.79 9.43 -3.54
C SER A 19 9.49 8.64 -3.73
N HIS A 20 9.55 7.32 -3.47
CA HIS A 20 8.36 6.48 -3.46
C HIS A 20 7.63 6.69 -2.12
N MET A 21 6.89 7.81 -2.06
CA MET A 21 6.23 8.29 -0.83
C MET A 21 5.10 7.33 -0.42
N ASN A 22 4.82 7.28 0.90
CA ASN A 22 3.85 6.35 1.51
C ASN A 22 2.44 6.48 0.92
N GLU A 23 2.11 7.67 0.39
CA GLU A 23 0.84 7.93 -0.33
C GLU A 23 0.72 7.02 -1.57
N LYS A 24 1.80 7.01 -2.37
CA LYS A 24 1.92 6.18 -3.60
C LYS A 24 1.90 4.68 -3.23
N VAL A 25 2.60 4.35 -2.11
CA VAL A 25 2.71 2.99 -1.58
C VAL A 25 1.31 2.44 -1.20
N GLU A 26 0.52 3.24 -0.46
CA GLU A 26 -0.80 2.83 0.08
C GLU A 26 -1.74 2.33 -1.02
N LYS A 27 -1.74 3.03 -2.17
CA LYS A 27 -2.57 2.66 -3.34
C LYS A 27 -2.13 1.31 -3.91
N ILE A 28 -0.83 1.18 -4.20
CA ILE A 28 -0.32 0.02 -4.95
C ILE A 28 -0.28 -1.26 -4.10
N VAL A 29 -0.16 -1.12 -2.76
CA VAL A 29 -0.23 -2.28 -1.84
C VAL A 29 -1.70 -2.69 -1.64
N GLU A 30 -2.62 -1.71 -1.46
CA GLU A 30 -4.07 -2.01 -1.26
C GLU A 30 -4.67 -2.64 -2.54
N GLU A 31 -4.01 -2.40 -3.70
CA GLU A 31 -4.38 -3.04 -4.98
C GLU A 31 -4.23 -4.58 -4.90
N LEU A 32 -3.06 -5.08 -4.44
CA LEU A 32 -2.80 -6.55 -4.35
C LEU A 32 -3.53 -7.19 -3.17
N LEU A 33 -3.85 -6.36 -2.15
CA LEU A 33 -4.85 -6.69 -1.12
C LEU A 33 -6.25 -6.88 -1.75
N ARG A 34 -6.58 -6.01 -2.73
CA ARG A 34 -7.89 -6.00 -3.41
C ARG A 34 -7.97 -7.07 -4.52
N ARG A 35 -6.85 -7.84 -4.72
CA ARG A 35 -6.81 -8.96 -5.68
C ARG A 35 -7.23 -10.30 -5.03
N GLY A 36 -7.68 -10.26 -3.75
CA GLY A 36 -8.05 -11.50 -3.03
C GLY A 36 -7.03 -11.85 -1.95
N TYR A 37 -6.56 -10.82 -1.24
CA TYR A 37 -5.43 -10.87 -0.28
C TYR A 37 -5.28 -12.19 0.51
N SER A 38 -4.03 -12.65 0.60
CA SER A 38 -3.60 -13.74 1.49
C SER A 38 -2.48 -13.20 2.40
N GLU A 39 -2.29 -13.82 3.57
CA GLU A 39 -1.31 -13.37 4.59
C GLU A 39 0.12 -13.47 4.02
N GLU A 40 0.35 -14.51 3.20
CA GLU A 40 1.62 -14.77 2.53
C GLU A 40 1.85 -13.82 1.33
N ASP A 41 0.79 -13.20 0.79
CA ASP A 41 0.93 -12.14 -0.27
C ASP A 41 1.31 -10.80 0.34
N ILE A 42 0.57 -10.42 1.41
CA ILE A 42 0.72 -9.11 2.07
C ILE A 42 2.09 -8.98 2.74
N ARG A 43 2.46 -10.01 3.56
CA ARG A 43 3.73 -10.03 4.29
C ARG A 43 4.92 -10.12 3.33
N ARG A 44 4.75 -10.88 2.23
CA ARG A 44 5.78 -11.02 1.18
C ARG A 44 6.12 -9.66 0.56
N TYR A 45 5.06 -8.85 0.31
CA TYR A 45 5.21 -7.55 -0.33
C TYR A 45 5.91 -6.56 0.61
N LEU A 46 5.39 -6.40 1.84
CA LEU A 46 5.94 -5.43 2.83
C LEU A 46 7.39 -5.77 3.23
N LYS A 47 7.76 -7.04 3.05
CA LYS A 47 9.12 -7.56 3.34
C LYS A 47 10.06 -7.25 2.15
N LYS A 48 9.53 -7.47 0.94
CA LYS A 48 10.23 -7.20 -0.33
C LYS A 48 10.42 -5.68 -0.54
N GLN A 49 9.43 -4.91 -0.09
CA GLN A 49 9.29 -3.47 -0.37
C GLN A 49 9.87 -2.63 0.77
N GLY A 50 9.99 -3.24 1.96
CA GLY A 50 10.50 -2.57 3.16
C GLY A 50 9.49 -1.59 3.77
N ILE A 51 8.20 -1.98 3.73
CA ILE A 51 7.10 -1.20 4.30
C ILE A 51 7.03 -1.49 5.82
N ASP A 52 6.95 -0.43 6.65
CA ASP A 52 6.73 -0.54 8.11
C ASP A 52 5.33 -1.15 8.38
N ASP A 53 5.18 -1.87 9.51
CA ASP A 53 3.93 -2.60 9.83
C ASP A 53 2.74 -1.64 9.99
N ARG A 54 2.99 -0.39 10.44
CA ARG A 54 1.97 0.68 10.49
C ARG A 54 1.56 1.12 9.07
N GLU A 55 2.55 1.23 8.18
CA GLU A 55 2.38 1.78 6.83
C GLU A 55 1.64 0.82 5.88
N VAL A 56 1.74 -0.50 6.14
CA VAL A 56 0.90 -1.49 5.44
C VAL A 56 -0.50 -1.55 6.09
N ASP A 57 -0.54 -1.41 7.44
CA ASP A 57 -1.78 -1.58 8.26
C ASP A 57 -2.83 -0.50 7.94
N ARG A 58 -2.35 0.73 7.66
CA ARG A 58 -3.20 1.86 7.25
C ARG A 58 -3.89 1.54 5.90
N ALA A 59 -3.15 0.82 5.02
CA ALA A 59 -3.64 0.39 3.70
C ALA A 59 -4.55 -0.87 3.79
N ILE A 60 -4.39 -1.67 4.87
CA ILE A 60 -5.29 -2.82 5.16
C ILE A 60 -6.74 -2.31 5.39
N LYS A 61 -6.83 -1.12 6.02
CA LYS A 61 -8.12 -0.46 6.30
C LYS A 61 -8.83 -0.01 5.00
N LYS A 62 -8.06 0.30 3.93
CA LYS A 62 -8.61 0.72 2.62
C LYS A 62 -9.50 -0.39 2.00
N VAL A 63 -9.03 -1.65 2.07
CA VAL A 63 -9.75 -2.81 1.51
C VAL A 63 -10.70 -3.46 2.54
N GLY A 64 -10.68 -2.98 3.80
CA GLY A 64 -11.52 -3.53 4.87
C GLY A 64 -12.84 -2.76 5.06
N MET A 1 30.79 12.48 -44.88
CA MET A 1 30.19 11.16 -44.64
C MET A 1 31.14 10.27 -43.83
N GLY A 2 30.57 9.51 -42.88
CA GLY A 2 31.34 8.61 -42.00
C GLY A 2 31.22 8.98 -40.53
N SER A 3 29.98 9.24 -40.07
CA SER A 3 29.69 9.61 -38.67
C SER A 3 29.74 8.37 -37.75
N SER A 4 30.82 8.24 -36.97
CA SER A 4 30.97 7.17 -35.97
C SER A 4 30.41 7.65 -34.63
N HIS A 5 29.37 6.95 -34.12
CA HIS A 5 28.75 7.24 -32.80
C HIS A 5 28.43 5.90 -32.10
N HIS A 6 28.60 5.85 -30.78
CA HIS A 6 28.30 4.67 -29.95
C HIS A 6 27.97 5.10 -28.52
N HIS A 7 27.18 4.29 -27.82
CA HIS A 7 26.78 4.52 -26.43
C HIS A 7 26.62 3.17 -25.71
N HIS A 8 26.98 3.15 -24.43
CA HIS A 8 26.91 1.97 -23.57
C HIS A 8 26.34 2.39 -22.20
N HIS A 9 25.19 1.79 -21.84
CA HIS A 9 24.54 1.98 -20.54
C HIS A 9 25.05 0.92 -19.55
N HIS A 10 25.78 1.37 -18.52
CA HIS A 10 26.21 0.54 -17.38
C HIS A 10 25.87 1.29 -16.09
N SER A 11 25.09 0.64 -15.21
CA SER A 11 24.59 1.22 -13.95
C SER A 11 24.91 0.28 -12.78
N SER A 12 24.99 0.87 -11.57
CA SER A 12 25.14 0.14 -10.30
C SER A 12 23.75 -0.22 -9.74
N GLY A 13 22.93 0.82 -9.50
CA GLY A 13 21.58 0.66 -8.96
C GLY A 13 20.81 1.96 -9.02
N LEU A 14 20.10 2.19 -10.14
CA LEU A 14 19.28 3.39 -10.36
C LEU A 14 17.98 3.32 -9.53
N VAL A 15 17.99 4.02 -8.38
CA VAL A 15 16.89 4.01 -7.37
C VAL A 15 16.59 2.56 -6.88
N PRO A 16 17.31 2.06 -5.83
CA PRO A 16 17.14 0.67 -5.32
C PRO A 16 15.87 0.50 -4.43
N ARG A 17 15.06 1.59 -4.33
CA ARG A 17 13.83 1.67 -3.51
C ARG A 17 14.18 1.60 -2.02
N GLY A 18 14.41 0.36 -1.51
CA GLY A 18 14.91 0.11 -0.15
C GLY A 18 14.13 0.79 0.96
N SER A 19 12.85 0.39 1.12
CA SER A 19 11.97 0.85 2.20
C SER A 19 11.72 2.37 2.16
N HIS A 20 10.68 2.78 1.42
CA HIS A 20 10.23 4.18 1.32
C HIS A 20 8.70 4.21 1.26
N MET A 21 8.07 4.42 2.43
CA MET A 21 6.61 4.67 2.54
C MET A 21 6.27 6.01 1.84
N ASN A 22 5.37 5.97 0.84
CA ASN A 22 5.09 7.12 -0.05
C ASN A 22 3.65 7.05 -0.57
N GLU A 23 3.16 8.18 -1.12
CA GLU A 23 1.81 8.35 -1.72
C GLU A 23 1.45 7.22 -2.72
N LYS A 24 2.45 6.80 -3.50
CA LYS A 24 2.29 5.70 -4.48
C LYS A 24 2.30 4.34 -3.76
N VAL A 25 3.22 4.20 -2.80
CA VAL A 25 3.52 2.94 -2.10
C VAL A 25 2.32 2.44 -1.25
N GLU A 26 1.66 3.39 -0.57
CA GLU A 26 0.46 3.10 0.24
C GLU A 26 -0.72 2.72 -0.68
N LYS A 27 -0.77 3.32 -1.89
CA LYS A 27 -1.88 3.15 -2.83
C LYS A 27 -1.78 1.79 -3.58
N ILE A 28 -0.54 1.37 -3.89
CA ILE A 28 -0.28 0.11 -4.61
C ILE A 28 -0.35 -1.09 -3.65
N VAL A 29 -0.08 -0.86 -2.33
CA VAL A 29 -0.28 -1.91 -1.34
C VAL A 29 -1.81 -2.11 -1.16
N GLU A 30 -2.58 -1.00 -1.09
CA GLU A 30 -4.08 -1.01 -1.08
C GLU A 30 -4.64 -1.89 -2.21
N GLU A 31 -4.00 -1.79 -3.40
CA GLU A 31 -4.37 -2.58 -4.57
C GLU A 31 -4.18 -4.09 -4.28
N LEU A 32 -2.91 -4.50 -3.98
CA LEU A 32 -2.54 -5.93 -3.86
C LEU A 32 -3.30 -6.64 -2.72
N LEU A 33 -3.82 -5.85 -1.76
CA LEU A 33 -4.74 -6.33 -0.73
C LEU A 33 -6.02 -6.90 -1.39
N ARG A 34 -6.79 -6.04 -2.09
CA ARG A 34 -8.09 -6.46 -2.68
C ARG A 34 -7.89 -7.49 -3.83
N ARG A 35 -6.64 -7.60 -4.33
CA ARG A 35 -6.25 -8.54 -5.41
C ARG A 35 -6.12 -10.02 -4.91
N GLY A 36 -6.50 -10.31 -3.63
CA GLY A 36 -6.48 -11.69 -3.12
C GLY A 36 -5.66 -11.84 -1.84
N TYR A 37 -5.76 -10.84 -0.93
CA TYR A 37 -4.94 -10.73 0.31
C TYR A 37 -4.83 -12.05 1.10
N SER A 38 -3.59 -12.49 1.31
CA SER A 38 -3.23 -13.52 2.29
C SER A 38 -2.09 -12.96 3.12
N GLU A 39 -2.01 -13.32 4.42
CA GLU A 39 -1.06 -12.71 5.38
C GLU A 39 0.39 -12.95 4.93
N GLU A 40 0.69 -14.21 4.58
CA GLU A 40 2.02 -14.63 4.10
C GLU A 40 2.38 -13.95 2.75
N ASP A 41 1.38 -13.74 1.89
CA ASP A 41 1.57 -13.18 0.54
C ASP A 41 1.88 -11.68 0.61
N ILE A 42 1.16 -10.97 1.48
CA ILE A 42 1.39 -9.53 1.72
C ILE A 42 2.76 -9.34 2.40
N ARG A 43 3.12 -10.29 3.30
CA ARG A 43 4.45 -10.31 3.95
C ARG A 43 5.58 -10.45 2.92
N ARG A 44 5.30 -11.22 1.86
CA ARG A 44 6.23 -11.43 0.74
C ARG A 44 6.48 -10.09 0.01
N TYR A 45 5.41 -9.31 -0.17
CA TYR A 45 5.47 -7.98 -0.81
C TYR A 45 6.18 -6.94 0.09
N LEU A 46 5.71 -6.80 1.34
CA LEU A 46 6.09 -5.67 2.23
C LEU A 46 7.54 -5.79 2.73
N LYS A 47 8.04 -7.04 2.80
CA LYS A 47 9.41 -7.32 3.28
C LYS A 47 10.44 -6.96 2.18
N LYS A 48 10.09 -7.31 0.92
CA LYS A 48 10.95 -7.13 -0.26
C LYS A 48 10.96 -5.66 -0.71
N GLN A 49 9.75 -5.05 -0.77
CA GLN A 49 9.56 -3.63 -1.15
C GLN A 49 9.97 -2.69 -0.01
N GLY A 50 9.94 -3.21 1.23
CA GLY A 50 10.27 -2.44 2.43
C GLY A 50 9.08 -1.69 3.01
N ILE A 51 7.86 -2.03 2.57
CA ILE A 51 6.61 -1.45 3.07
C ILE A 51 6.38 -1.89 4.53
N ASP A 52 5.96 -0.95 5.40
CA ASP A 52 5.65 -1.26 6.82
C ASP A 52 4.36 -2.09 6.89
N ASP A 53 4.30 -3.03 7.84
CA ASP A 53 3.06 -3.78 8.13
C ASP A 53 1.98 -2.83 8.70
N ARG A 54 2.44 -1.70 9.29
CA ARG A 54 1.57 -0.63 9.81
C ARG A 54 0.96 0.15 8.63
N GLU A 55 1.78 0.33 7.57
CA GLU A 55 1.38 0.97 6.30
C GLU A 55 0.32 0.10 5.59
N VAL A 56 0.51 -1.23 5.70
CA VAL A 56 -0.44 -2.24 5.21
C VAL A 56 -1.73 -2.26 6.05
N ASP A 57 -1.58 -2.06 7.38
CA ASP A 57 -2.71 -2.09 8.35
C ASP A 57 -3.75 -1.01 8.02
N ARG A 58 -3.27 0.24 7.97
CA ARG A 58 -4.12 1.41 7.64
C ARG A 58 -4.70 1.29 6.21
N ALA A 59 -3.93 0.64 5.32
CA ALA A 59 -4.36 0.39 3.94
C ALA A 59 -5.57 -0.57 3.90
N ILE A 60 -5.52 -1.68 4.71
CA ILE A 60 -6.63 -2.67 4.85
C ILE A 60 -7.95 -1.97 5.28
N LYS A 61 -7.80 -1.05 6.25
CA LYS A 61 -8.93 -0.24 6.78
C LYS A 61 -9.50 0.65 5.64
N LYS A 62 -8.59 1.21 4.84
CA LYS A 62 -8.91 2.16 3.76
C LYS A 62 -9.49 1.43 2.52
N VAL A 63 -9.18 0.13 2.36
CA VAL A 63 -9.78 -0.74 1.32
C VAL A 63 -11.24 -1.06 1.69
N GLY A 64 -11.47 -1.28 3.00
CA GLY A 64 -12.82 -1.47 3.54
C GLY A 64 -13.66 -0.18 3.52
N MET A 1 -23.31 30.74 -38.29
CA MET A 1 -22.68 31.13 -37.01
C MET A 1 -22.74 29.96 -36.03
N GLY A 2 -21.67 29.78 -35.24
CA GLY A 2 -21.53 28.64 -34.35
C GLY A 2 -20.55 27.62 -34.91
N SER A 3 -19.29 28.05 -35.06
CA SER A 3 -18.19 27.20 -35.56
C SER A 3 -17.83 26.12 -34.53
N SER A 4 -18.52 24.97 -34.63
CA SER A 4 -18.32 23.81 -33.74
C SER A 4 -16.89 23.26 -33.92
N HIS A 5 -16.00 23.57 -32.98
CA HIS A 5 -14.58 23.19 -33.02
C HIS A 5 -14.31 22.07 -31.99
N HIS A 6 -14.35 20.82 -32.47
CA HIS A 6 -14.02 19.63 -31.65
C HIS A 6 -12.65 19.07 -32.07
N HIS A 7 -11.88 18.59 -31.09
CA HIS A 7 -10.50 18.10 -31.32
C HIS A 7 -10.18 16.96 -30.34
N HIS A 8 -9.21 16.10 -30.71
CA HIS A 8 -8.74 14.99 -29.88
C HIS A 8 -7.20 15.03 -29.83
N HIS A 9 -6.66 15.57 -28.72
CA HIS A 9 -5.22 15.57 -28.45
C HIS A 9 -4.83 14.20 -27.91
N HIS A 10 -4.46 13.30 -28.85
CA HIS A 10 -4.07 11.92 -28.52
C HIS A 10 -2.65 11.90 -27.92
N SER A 11 -2.49 11.19 -26.78
CA SER A 11 -1.21 11.11 -26.06
C SER A 11 -1.18 9.86 -25.14
N SER A 12 0.04 9.37 -24.88
CA SER A 12 0.28 8.18 -24.02
C SER A 12 0.47 8.58 -22.54
N GLY A 13 0.62 7.57 -21.68
CA GLY A 13 0.85 7.77 -20.25
C GLY A 13 1.39 6.50 -19.61
N LEU A 14 2.72 6.45 -19.42
CA LEU A 14 3.42 5.27 -18.84
C LEU A 14 3.02 5.07 -17.36
N VAL A 15 2.86 6.21 -16.66
CA VAL A 15 2.55 6.27 -15.21
C VAL A 15 3.70 5.61 -14.38
N PRO A 16 4.85 6.32 -14.18
CA PRO A 16 5.94 5.88 -13.26
C PRO A 16 5.46 5.83 -11.79
N ARG A 17 6.28 5.24 -10.91
CA ARG A 17 5.97 5.16 -9.46
C ARG A 17 6.06 6.56 -8.82
N GLY A 18 7.18 7.26 -9.08
CA GLY A 18 7.42 8.61 -8.55
C GLY A 18 7.61 8.64 -7.03
N SER A 19 7.05 9.67 -6.37
CA SER A 19 7.01 9.77 -4.90
C SER A 19 5.86 8.93 -4.33
N HIS A 20 5.83 8.76 -3.00
CA HIS A 20 4.74 8.06 -2.29
C HIS A 20 3.55 9.02 -2.05
N MET A 21 2.94 9.45 -3.17
CA MET A 21 1.76 10.32 -3.18
C MET A 21 0.52 9.48 -2.88
N ASN A 22 -0.48 10.07 -2.19
CA ASN A 22 -1.64 9.32 -1.64
C ASN A 22 -2.39 8.49 -2.71
N GLU A 23 -2.60 9.06 -3.91
CA GLU A 23 -3.28 8.35 -5.03
C GLU A 23 -2.49 7.10 -5.46
N LYS A 24 -1.16 7.21 -5.39
CA LYS A 24 -0.23 6.12 -5.78
C LYS A 24 -0.16 5.04 -4.69
N VAL A 25 -0.20 5.48 -3.41
CA VAL A 25 -0.10 4.58 -2.24
C VAL A 25 -1.36 3.70 -2.15
N GLU A 26 -2.55 4.34 -2.24
CA GLU A 26 -3.86 3.65 -2.20
C GLU A 26 -3.99 2.68 -3.39
N LYS A 27 -3.41 3.08 -4.53
CA LYS A 27 -3.42 2.28 -5.76
C LYS A 27 -2.64 0.96 -5.57
N ILE A 28 -1.41 1.07 -5.02
CA ILE A 28 -0.48 -0.08 -4.91
C ILE A 28 -0.82 -1.00 -3.70
N VAL A 29 -1.35 -0.43 -2.60
CA VAL A 29 -1.72 -1.21 -1.40
C VAL A 29 -3.00 -2.02 -1.67
N GLU A 30 -3.97 -1.39 -2.37
CA GLU A 30 -5.20 -2.07 -2.80
C GLU A 30 -4.88 -3.11 -3.88
N GLU A 31 -3.83 -2.85 -4.69
CA GLU A 31 -3.41 -3.75 -5.79
C GLU A 31 -2.90 -5.10 -5.24
N LEU A 32 -2.03 -5.06 -4.20
CA LEU A 32 -1.47 -6.30 -3.60
C LEU A 32 -2.53 -7.07 -2.77
N LEU A 33 -3.59 -6.35 -2.34
CA LEU A 33 -4.84 -6.96 -1.81
C LEU A 33 -5.68 -7.56 -2.98
N ARG A 34 -5.66 -6.88 -4.13
CA ARG A 34 -6.43 -7.26 -5.34
C ARG A 34 -5.75 -8.45 -6.08
N ARG A 35 -4.56 -8.85 -5.59
CA ARG A 35 -3.83 -10.03 -6.10
C ARG A 35 -4.36 -11.36 -5.50
N GLY A 36 -5.63 -11.35 -5.04
CA GLY A 36 -6.27 -12.55 -4.46
C GLY A 36 -6.33 -12.50 -2.94
N TYR A 37 -5.52 -11.59 -2.35
CA TYR A 37 -5.33 -11.39 -0.89
C TYR A 37 -5.17 -12.72 -0.08
N SER A 38 -3.93 -13.08 0.22
CA SER A 38 -3.60 -14.10 1.23
C SER A 38 -2.57 -13.49 2.19
N GLU A 39 -2.61 -13.92 3.47
CA GLU A 39 -1.75 -13.38 4.53
C GLU A 39 -0.27 -13.64 4.24
N GLU A 40 0.03 -14.87 3.76
CA GLU A 40 1.41 -15.31 3.46
C GLU A 40 1.98 -14.57 2.23
N ASP A 41 1.11 -14.28 1.24
CA ASP A 41 1.49 -13.54 0.03
C ASP A 41 1.81 -12.09 0.39
N ILE A 42 0.79 -11.41 0.95
CA ILE A 42 0.82 -9.97 1.28
C ILE A 42 2.00 -9.64 2.20
N ARG A 43 2.20 -10.42 3.28
CA ARG A 43 3.28 -10.18 4.26
C ARG A 43 4.67 -10.22 3.57
N ARG A 44 4.86 -11.22 2.68
CA ARG A 44 6.12 -11.42 1.94
C ARG A 44 6.34 -10.35 0.85
N TYR A 45 5.24 -9.79 0.29
CA TYR A 45 5.30 -8.63 -0.64
C TYR A 45 5.87 -7.42 0.09
N LEU A 46 5.21 -7.06 1.21
CA LEU A 46 5.55 -5.90 2.05
C LEU A 46 6.97 -5.99 2.60
N LYS A 47 7.35 -7.21 3.00
CA LYS A 47 8.65 -7.50 3.61
C LYS A 47 9.80 -7.27 2.59
N LYS A 48 9.54 -7.70 1.34
CA LYS A 48 10.45 -7.51 0.19
C LYS A 48 10.51 -6.02 -0.22
N GLN A 49 9.33 -5.36 -0.20
CA GLN A 49 9.17 -3.93 -0.54
C GLN A 49 9.75 -3.02 0.56
N GLY A 50 9.95 -3.60 1.76
CA GLY A 50 10.45 -2.87 2.92
C GLY A 50 9.42 -1.95 3.53
N ILE A 51 8.13 -2.22 3.28
CA ILE A 51 7.01 -1.49 3.89
C ILE A 51 6.85 -1.94 5.35
N ASP A 52 6.77 -0.95 6.26
CA ASP A 52 6.62 -1.17 7.71
C ASP A 52 5.25 -1.78 8.04
N ASP A 53 5.22 -2.61 9.09
CA ASP A 53 4.01 -3.36 9.52
C ASP A 53 2.89 -2.42 9.98
N ARG A 54 3.26 -1.33 10.67
CA ARG A 54 2.30 -0.30 11.14
C ARG A 54 1.88 0.62 9.97
N GLU A 55 2.76 0.75 8.95
CA GLU A 55 2.49 1.58 7.76
C GLU A 55 1.42 0.95 6.86
N VAL A 56 1.53 -0.37 6.64
CA VAL A 56 0.50 -1.10 5.89
C VAL A 56 -0.77 -1.25 6.73
N ASP A 57 -0.60 -1.35 8.06
CA ASP A 57 -1.73 -1.49 9.01
C ASP A 57 -2.65 -0.26 8.95
N ARG A 58 -2.06 0.96 8.97
CA ARG A 58 -2.81 2.23 8.88
C ARG A 58 -3.46 2.39 7.49
N ALA A 59 -2.85 1.78 6.45
CA ALA A 59 -3.38 1.79 5.06
C ALA A 59 -4.60 0.87 4.92
N ILE A 60 -4.54 -0.31 5.59
CA ILE A 60 -5.65 -1.29 5.63
C ILE A 60 -6.75 -0.81 6.62
N LYS A 61 -6.37 0.09 7.52
CA LYS A 61 -7.29 0.78 8.44
C LYS A 61 -8.15 1.81 7.65
N LYS A 62 -7.61 2.31 6.51
CA LYS A 62 -8.31 3.25 5.61
C LYS A 62 -9.27 2.50 4.67
N VAL A 63 -8.73 1.51 3.94
CA VAL A 63 -9.50 0.73 2.92
C VAL A 63 -10.43 -0.33 3.59
N GLY A 64 -10.07 -0.74 4.81
CA GLY A 64 -10.83 -1.76 5.55
C GLY A 64 -11.92 -1.16 6.44
N MET A 1 -32.09 3.98 -2.83
CA MET A 1 -32.58 2.79 -3.56
C MET A 1 -32.87 3.17 -5.03
N GLY A 2 -32.74 2.18 -5.94
CA GLY A 2 -32.91 2.39 -7.38
C GLY A 2 -31.76 1.79 -8.18
N SER A 3 -32.03 1.45 -9.44
CA SER A 3 -31.03 0.84 -10.34
C SER A 3 -30.06 1.91 -10.89
N SER A 4 -28.98 2.21 -10.12
CA SER A 4 -27.89 3.08 -10.58
C SER A 4 -27.04 2.33 -11.62
N HIS A 5 -27.05 2.80 -12.88
CA HIS A 5 -26.30 2.17 -13.99
C HIS A 5 -24.77 2.32 -13.78
N HIS A 6 -24.14 1.22 -13.30
CA HIS A 6 -22.69 1.18 -13.00
C HIS A 6 -21.90 0.83 -14.27
N HIS A 7 -20.66 1.36 -14.36
CA HIS A 7 -19.78 1.21 -15.54
C HIS A 7 -18.31 1.14 -15.09
N HIS A 8 -17.56 0.15 -15.63
CA HIS A 8 -16.14 -0.09 -15.29
C HIS A 8 -15.21 0.95 -15.95
N HIS A 9 -14.06 1.19 -15.31
CA HIS A 9 -13.00 2.12 -15.78
C HIS A 9 -11.63 1.44 -15.59
N HIS A 10 -10.65 1.86 -16.40
CA HIS A 10 -9.28 1.31 -16.38
C HIS A 10 -8.28 2.39 -15.92
N SER A 11 -7.28 1.96 -15.15
CA SER A 11 -6.16 2.80 -14.70
C SER A 11 -4.90 2.37 -15.45
N SER A 12 -4.67 3.01 -16.61
CA SER A 12 -3.56 2.68 -17.51
C SER A 12 -2.21 3.11 -16.89
N GLY A 13 -1.36 2.11 -16.60
CA GLY A 13 -0.05 2.32 -15.99
C GLY A 13 0.76 1.04 -15.94
N LEU A 14 2.08 1.17 -15.75
CA LEU A 14 3.02 0.04 -15.62
C LEU A 14 3.22 -0.34 -14.13
N VAL A 15 2.39 0.27 -13.24
CA VAL A 15 2.53 0.21 -11.77
C VAL A 15 3.96 0.68 -11.36
N PRO A 16 4.20 2.02 -11.36
CA PRO A 16 5.55 2.58 -11.07
C PRO A 16 5.86 2.63 -9.57
N ARG A 17 7.15 2.83 -9.25
CA ARG A 17 7.63 2.94 -7.86
C ARG A 17 7.33 4.36 -7.33
N GLY A 18 6.07 4.55 -6.89
CA GLY A 18 5.60 5.82 -6.30
C GLY A 18 5.56 5.75 -4.79
N SER A 19 6.60 5.14 -4.20
CA SER A 19 6.72 4.90 -2.76
C SER A 19 7.27 6.15 -2.04
N HIS A 20 6.45 7.22 -2.05
CA HIS A 20 6.79 8.53 -1.49
C HIS A 20 5.49 9.34 -1.36
N MET A 21 4.69 9.33 -2.44
CA MET A 21 3.33 9.91 -2.43
C MET A 21 2.36 8.90 -1.79
N ASN A 22 1.62 9.38 -0.76
CA ASN A 22 0.67 8.57 0.04
C ASN A 22 -0.29 7.80 -0.88
N GLU A 23 -1.03 8.56 -1.72
CA GLU A 23 -2.07 8.06 -2.64
C GLU A 23 -1.58 6.85 -3.45
N LYS A 24 -0.34 6.95 -3.97
CA LYS A 24 0.25 5.95 -4.87
C LYS A 24 0.57 4.64 -4.12
N VAL A 25 1.13 4.78 -2.90
CA VAL A 25 1.47 3.62 -2.04
C VAL A 25 0.20 2.86 -1.65
N GLU A 26 -0.86 3.63 -1.36
CA GLU A 26 -2.15 3.11 -0.91
C GLU A 26 -2.86 2.35 -2.05
N LYS A 27 -2.89 2.95 -3.24
CA LYS A 27 -3.65 2.39 -4.38
C LYS A 27 -3.02 1.06 -4.85
N ILE A 28 -1.67 0.96 -4.77
CA ILE A 28 -0.94 -0.24 -5.23
C ILE A 28 -1.00 -1.37 -4.19
N VAL A 29 -0.92 -1.05 -2.87
CA VAL A 29 -0.98 -2.07 -1.79
C VAL A 29 -2.39 -2.69 -1.72
N GLU A 30 -3.42 -1.85 -1.98
CA GLU A 30 -4.80 -2.31 -2.13
C GLU A 30 -4.94 -3.25 -3.33
N GLU A 31 -4.30 -2.87 -4.46
CA GLU A 31 -4.50 -3.55 -5.75
C GLU A 31 -3.87 -4.96 -5.76
N LEU A 32 -2.66 -5.10 -5.20
CA LEU A 32 -1.99 -6.41 -5.11
C LEU A 32 -2.69 -7.33 -4.10
N LEU A 33 -3.37 -6.72 -3.11
CA LEU A 33 -4.28 -7.42 -2.17
C LEU A 33 -5.57 -7.87 -2.92
N ARG A 34 -6.04 -7.02 -3.87
CA ARG A 34 -7.25 -7.28 -4.70
C ARG A 34 -6.96 -8.29 -5.82
N ARG A 35 -5.73 -8.84 -5.89
CA ARG A 35 -5.43 -10.04 -6.71
C ARG A 35 -6.00 -11.30 -6.02
N GLY A 36 -6.27 -11.18 -4.70
CA GLY A 36 -7.02 -12.18 -3.94
C GLY A 36 -6.15 -13.18 -3.20
N TYR A 37 -4.95 -12.74 -2.77
CA TYR A 37 -4.03 -13.57 -1.98
C TYR A 37 -4.16 -13.26 -0.48
N SER A 38 -3.65 -14.19 0.35
CA SER A 38 -3.73 -14.10 1.83
C SER A 38 -2.76 -13.04 2.38
N GLU A 39 -3.05 -12.55 3.61
CA GLU A 39 -2.26 -11.50 4.30
C GLU A 39 -0.79 -11.91 4.46
N GLU A 40 -0.58 -13.20 4.75
CA GLU A 40 0.75 -13.80 4.94
C GLU A 40 1.65 -13.65 3.69
N ASP A 41 1.02 -13.65 2.52
CA ASP A 41 1.67 -13.43 1.22
C ASP A 41 1.83 -11.92 0.93
N ILE A 42 0.72 -11.17 1.16
CA ILE A 42 0.57 -9.77 0.72
C ILE A 42 1.43 -8.78 1.52
N ARG A 43 1.20 -8.66 2.84
CA ARG A 43 1.97 -7.72 3.71
C ARG A 43 3.47 -8.05 3.68
N ARG A 44 3.77 -9.35 3.48
CA ARG A 44 5.13 -9.88 3.32
C ARG A 44 5.83 -9.26 2.08
N TYR A 45 5.07 -9.09 0.98
CA TYR A 45 5.59 -8.43 -0.26
C TYR A 45 6.23 -7.08 0.07
N LEU A 46 5.41 -6.17 0.62
CA LEU A 46 5.83 -4.78 0.93
C LEU A 46 6.92 -4.78 2.00
N LYS A 47 6.86 -5.78 2.89
CA LYS A 47 7.79 -5.92 4.02
C LYS A 47 9.23 -6.13 3.51
N LYS A 48 9.41 -7.10 2.60
CA LYS A 48 10.73 -7.43 2.01
C LYS A 48 11.14 -6.37 0.95
N GLN A 49 10.16 -5.59 0.45
CA GLN A 49 10.41 -4.43 -0.45
C GLN A 49 11.00 -3.23 0.33
N GLY A 50 10.97 -3.29 1.67
CA GLY A 50 11.57 -2.26 2.54
C GLY A 50 10.55 -1.39 3.25
N ILE A 51 9.26 -1.58 2.92
CA ILE A 51 8.13 -0.89 3.57
C ILE A 51 7.75 -1.67 4.86
N ASP A 52 7.19 -0.97 5.86
CA ASP A 52 6.88 -1.53 7.18
C ASP A 52 5.51 -2.27 7.20
N ASP A 53 5.41 -3.29 8.09
CA ASP A 53 4.19 -4.09 8.32
C ASP A 53 3.01 -3.19 8.72
N ARG A 54 3.25 -2.35 9.75
CA ARG A 54 2.20 -1.55 10.40
C ARG A 54 1.77 -0.42 9.46
N GLU A 55 2.74 0.05 8.62
CA GLU A 55 2.52 1.09 7.60
C GLU A 55 1.40 0.66 6.61
N VAL A 56 1.57 -0.53 6.01
CA VAL A 56 0.62 -1.08 5.02
C VAL A 56 -0.63 -1.68 5.68
N ASP A 57 -0.49 -2.16 6.94
CA ASP A 57 -1.59 -2.76 7.72
C ASP A 57 -2.70 -1.72 7.98
N ARG A 58 -2.31 -0.57 8.56
CA ARG A 58 -3.24 0.53 8.92
C ARG A 58 -3.77 1.25 7.66
N ALA A 59 -3.01 1.16 6.56
CA ALA A 59 -3.41 1.75 5.26
C ALA A 59 -4.66 1.02 4.70
N ILE A 60 -4.64 -0.31 4.81
CA ILE A 60 -5.73 -1.18 4.34
C ILE A 60 -6.91 -1.15 5.34
N LYS A 61 -6.62 -1.01 6.64
CA LYS A 61 -7.64 -0.90 7.69
C LYS A 61 -8.31 0.50 7.69
N LYS A 62 -7.63 1.50 7.10
CA LYS A 62 -8.20 2.84 6.86
C LYS A 62 -9.30 2.70 5.78
N VAL A 63 -9.00 1.88 4.75
CA VAL A 63 -9.95 1.54 3.66
C VAL A 63 -11.20 0.88 4.24
N GLY A 64 -10.98 -0.16 5.07
CA GLY A 64 -12.05 -0.97 5.64
C GLY A 64 -12.14 -2.33 4.94
N MET A 1 14.63 14.62 -5.42
CA MET A 1 13.91 13.35 -5.26
C MET A 1 14.58 12.51 -4.14
N GLY A 2 14.01 12.63 -2.91
CA GLY A 2 14.48 11.86 -1.75
C GLY A 2 13.86 10.47 -1.71
N SER A 3 14.16 9.67 -2.75
CA SER A 3 13.61 8.32 -2.93
C SER A 3 14.39 7.32 -2.06
N SER A 4 13.92 7.11 -0.81
CA SER A 4 14.57 6.23 0.17
C SER A 4 13.52 5.42 0.95
N HIS A 5 13.65 4.08 0.91
CA HIS A 5 12.78 3.15 1.66
C HIS A 5 13.19 3.12 3.15
N HIS A 6 14.45 3.53 3.44
CA HIS A 6 14.99 3.66 4.81
C HIS A 6 14.60 5.02 5.45
N HIS A 7 13.36 5.47 5.20
CA HIS A 7 12.80 6.71 5.75
C HIS A 7 11.28 6.57 5.88
N HIS A 8 10.82 5.96 6.99
CA HIS A 8 9.38 5.94 7.35
C HIS A 8 9.08 7.12 8.28
N HIS A 9 7.86 7.64 8.22
CA HIS A 9 7.43 8.79 9.02
C HIS A 9 6.38 8.37 10.06
N HIS A 10 6.70 8.55 11.36
CA HIS A 10 5.74 8.36 12.45
C HIS A 10 4.62 9.39 12.31
N SER A 11 3.38 8.92 12.15
CA SER A 11 2.23 9.77 11.82
C SER A 11 1.03 9.38 12.70
N SER A 12 0.56 10.29 13.57
CA SER A 12 -0.71 10.13 14.28
C SER A 12 -1.84 10.59 13.33
N GLY A 13 -1.94 11.93 13.11
CA GLY A 13 -2.72 12.55 12.04
C GLY A 13 -4.22 12.24 12.07
N LEU A 14 -4.58 11.04 11.53
CA LEU A 14 -5.97 10.57 11.30
C LEU A 14 -6.65 11.46 10.25
N VAL A 15 -6.17 11.33 9.00
CA VAL A 15 -6.70 12.03 7.82
C VAL A 15 -7.17 10.97 6.80
N PRO A 16 -8.46 10.51 6.87
CA PRO A 16 -8.99 9.49 5.93
C PRO A 16 -9.05 10.01 4.49
N ARG A 17 -9.60 11.23 4.34
CA ARG A 17 -9.76 11.91 3.06
C ARG A 17 -8.41 12.55 2.65
N GLY A 18 -7.66 11.82 1.82
CA GLY A 18 -6.36 12.25 1.34
C GLY A 18 -6.22 12.07 -0.16
N SER A 19 -5.93 10.81 -0.57
CA SER A 19 -5.74 10.39 -1.98
C SER A 19 -4.68 11.26 -2.70
N HIS A 20 -3.66 11.71 -1.94
CA HIS A 20 -2.55 12.53 -2.47
C HIS A 20 -1.24 12.14 -1.78
N MET A 21 -1.26 12.08 -0.43
CA MET A 21 -0.14 11.55 0.38
C MET A 21 -0.08 10.01 0.23
N ASN A 22 0.91 9.53 -0.56
CA ASN A 22 1.11 8.09 -0.88
C ASN A 22 -0.09 7.54 -1.69
N GLU A 23 -0.67 8.40 -2.55
CA GLU A 23 -1.87 8.10 -3.37
C GLU A 23 -1.73 6.76 -4.16
N LYS A 24 -0.61 6.64 -4.88
CA LYS A 24 -0.33 5.47 -5.74
C LYS A 24 0.05 4.24 -4.90
N VAL A 25 0.59 4.49 -3.68
CA VAL A 25 0.98 3.42 -2.74
C VAL A 25 -0.27 2.73 -2.18
N GLU A 26 -1.32 3.53 -1.92
CA GLU A 26 -2.64 3.04 -1.47
C GLU A 26 -3.26 2.10 -2.53
N LYS A 27 -3.04 2.42 -3.83
CA LYS A 27 -3.60 1.62 -4.94
C LYS A 27 -2.79 0.32 -5.19
N ILE A 28 -1.43 0.40 -5.14
CA ILE A 28 -0.57 -0.77 -5.42
C ILE A 28 -0.65 -1.83 -4.30
N VAL A 29 -0.85 -1.36 -3.04
CA VAL A 29 -1.03 -2.28 -1.90
C VAL A 29 -2.44 -2.91 -1.98
N GLU A 30 -3.43 -2.11 -2.42
CA GLU A 30 -4.78 -2.60 -2.69
C GLU A 30 -4.76 -3.63 -3.82
N GLU A 31 -3.86 -3.43 -4.80
CA GLU A 31 -3.74 -4.27 -6.00
C GLU A 31 -3.28 -5.70 -5.62
N LEU A 32 -2.21 -5.79 -4.80
CA LEU A 32 -1.66 -7.09 -4.35
C LEU A 32 -2.64 -7.79 -3.37
N LEU A 33 -3.55 -7.02 -2.74
CA LEU A 33 -4.68 -7.56 -1.98
C LEU A 33 -5.75 -8.17 -2.95
N ARG A 34 -6.45 -7.30 -3.68
CA ARG A 34 -7.70 -7.61 -4.43
C ARG A 34 -7.53 -8.70 -5.52
N ARG A 35 -6.28 -9.04 -5.88
CA ARG A 35 -5.98 -10.03 -6.93
C ARG A 35 -6.06 -11.49 -6.42
N GLY A 36 -6.26 -11.71 -5.10
CA GLY A 36 -6.33 -13.07 -4.52
C GLY A 36 -5.37 -13.29 -3.37
N TYR A 37 -5.20 -12.25 -2.53
CA TYR A 37 -4.20 -12.23 -1.44
C TYR A 37 -4.31 -13.39 -0.42
N SER A 38 -3.17 -13.71 0.18
CA SER A 38 -3.10 -14.39 1.47
C SER A 38 -2.18 -13.53 2.35
N GLU A 39 -2.27 -13.70 3.68
CA GLU A 39 -1.48 -12.93 4.67
C GLU A 39 0.04 -13.16 4.44
N GLU A 40 0.37 -14.39 4.02
CA GLU A 40 1.73 -14.79 3.63
C GLU A 40 2.23 -13.96 2.41
N ASP A 41 1.36 -13.82 1.38
CA ASP A 41 1.70 -13.04 0.16
C ASP A 41 2.01 -11.59 0.49
N ILE A 42 1.08 -10.94 1.23
CA ILE A 42 1.16 -9.49 1.55
C ILE A 42 2.42 -9.18 2.35
N ARG A 43 2.64 -9.95 3.43
CA ARG A 43 3.77 -9.72 4.37
C ARG A 43 5.13 -9.96 3.67
N ARG A 44 5.13 -10.89 2.69
CA ARG A 44 6.30 -11.20 1.84
C ARG A 44 6.65 -9.99 0.94
N TYR A 45 5.60 -9.34 0.39
CA TYR A 45 5.74 -8.16 -0.49
C TYR A 45 6.30 -6.97 0.28
N LEU A 46 5.56 -6.52 1.33
CA LEU A 46 5.89 -5.30 2.10
C LEU A 46 7.31 -5.38 2.71
N LYS A 47 7.74 -6.62 3.08
CA LYS A 47 9.09 -6.90 3.64
C LYS A 47 10.20 -6.34 2.72
N LYS A 48 10.17 -6.72 1.43
CA LYS A 48 11.18 -6.30 0.44
C LYS A 48 10.87 -4.89 -0.13
N GLN A 49 9.60 -4.45 -0.01
CA GLN A 49 9.15 -3.11 -0.44
C GLN A 49 9.62 -2.01 0.52
N GLY A 50 9.99 -2.40 1.75
CA GLY A 50 10.40 -1.46 2.79
C GLY A 50 9.21 -0.87 3.54
N ILE A 51 8.00 -1.40 3.25
CA ILE A 51 6.77 -1.04 3.95
C ILE A 51 6.59 -2.02 5.13
N ASP A 52 6.31 -1.51 6.33
CA ASP A 52 6.11 -2.38 7.50
C ASP A 52 4.67 -2.95 7.48
N ASP A 53 4.48 -4.10 8.16
CA ASP A 53 3.17 -4.79 8.25
C ASP A 53 2.08 -3.88 8.84
N ARG A 54 2.46 -3.16 9.91
CA ARG A 54 1.58 -2.24 10.63
C ARG A 54 1.34 -0.94 9.84
N GLU A 55 2.25 -0.59 8.91
CA GLU A 55 2.02 0.53 7.97
C GLU A 55 0.85 0.19 7.04
N VAL A 56 0.85 -1.04 6.49
CA VAL A 56 -0.24 -1.57 5.63
C VAL A 56 -1.55 -1.69 6.44
N ASP A 57 -1.41 -2.23 7.67
CA ASP A 57 -2.55 -2.48 8.60
C ASP A 57 -3.34 -1.18 8.86
N ARG A 58 -2.62 -0.09 9.25
CA ARG A 58 -3.25 1.22 9.53
C ARG A 58 -3.66 1.93 8.23
N ALA A 59 -3.00 1.59 7.08
CA ALA A 59 -3.29 2.21 5.76
C ALA A 59 -4.66 1.74 5.20
N ILE A 60 -4.99 0.46 5.43
CA ILE A 60 -6.26 -0.14 4.98
C ILE A 60 -7.43 0.45 5.78
N LYS A 61 -7.22 0.69 7.09
CA LYS A 61 -8.24 1.29 7.98
C LYS A 61 -8.19 2.85 7.93
N LYS A 62 -7.16 3.40 7.25
CA LYS A 62 -7.00 4.85 7.02
C LYS A 62 -8.02 5.34 5.98
N VAL A 63 -8.15 4.57 4.88
CA VAL A 63 -9.00 4.96 3.73
C VAL A 63 -10.50 5.00 4.11
N GLY A 64 -10.90 4.13 5.06
CA GLY A 64 -12.28 4.04 5.53
C GLY A 64 -12.52 2.84 6.45
N MET A 1 -4.68 4.49 20.97
CA MET A 1 -4.56 5.04 19.59
C MET A 1 -5.26 4.12 18.59
N GLY A 2 -5.64 4.67 17.42
CA GLY A 2 -6.28 3.91 16.35
C GLY A 2 -7.56 4.56 15.85
N SER A 3 -7.42 5.75 15.24
CA SER A 3 -8.54 6.49 14.63
C SER A 3 -9.02 5.76 13.35
N SER A 4 -10.06 4.94 13.52
CA SER A 4 -10.61 4.09 12.46
C SER A 4 -11.90 4.71 11.92
N HIS A 5 -11.78 5.42 10.78
CA HIS A 5 -12.92 6.03 10.07
C HIS A 5 -12.81 5.62 8.61
N HIS A 6 -13.94 5.30 7.99
CA HIS A 6 -13.98 4.77 6.60
C HIS A 6 -13.63 5.85 5.56
N HIS A 7 -12.47 5.69 4.94
CA HIS A 7 -12.02 6.50 3.78
C HIS A 7 -11.91 5.57 2.56
N HIS A 8 -11.35 6.07 1.45
CA HIS A 8 -11.17 5.28 0.20
C HIS A 8 -9.82 5.66 -0.46
N HIS A 9 -9.25 4.71 -1.24
CA HIS A 9 -8.01 4.95 -2.00
C HIS A 9 -8.26 5.99 -3.10
N HIS A 10 -7.79 7.23 -2.89
CA HIS A 10 -7.84 8.29 -3.91
C HIS A 10 -6.59 8.20 -4.80
N SER A 11 -6.80 7.96 -6.11
CA SER A 11 -5.72 7.82 -7.11
C SER A 11 -5.26 9.21 -7.59
N SER A 12 -4.61 9.96 -6.68
CA SER A 12 -4.19 11.35 -6.92
C SER A 12 -2.84 11.61 -6.22
N GLY A 13 -1.97 12.42 -6.86
CA GLY A 13 -0.66 12.77 -6.31
C GLY A 13 0.45 12.76 -7.36
N LEU A 14 0.07 12.85 -8.65
CA LEU A 14 1.01 12.90 -9.78
C LEU A 14 1.57 14.33 -9.94
N VAL A 15 2.56 14.67 -9.09
CA VAL A 15 3.18 16.00 -9.04
C VAL A 15 4.71 15.88 -9.03
N PRO A 16 5.46 16.85 -9.64
CA PRO A 16 6.92 16.97 -9.45
C PRO A 16 7.22 17.42 -8.01
N ARG A 17 8.39 17.03 -7.47
CA ARG A 17 8.76 17.27 -6.06
C ARG A 17 7.80 16.48 -5.11
N GLY A 18 7.21 15.38 -5.65
CA GLY A 18 6.27 14.53 -4.93
C GLY A 18 6.93 13.79 -3.75
N SER A 19 7.05 14.50 -2.62
CA SER A 19 7.71 14.01 -1.40
C SER A 19 6.91 12.88 -0.73
N HIS A 20 5.64 12.74 -1.12
CA HIS A 20 4.74 11.66 -0.69
C HIS A 20 4.27 10.88 -1.95
N MET A 21 4.56 9.59 -1.96
CA MET A 21 4.26 8.69 -3.10
C MET A 21 2.94 7.92 -2.85
N ASN A 22 2.00 8.55 -2.08
CA ASN A 22 0.71 7.93 -1.67
C ASN A 22 -0.08 7.38 -2.87
N GLU A 23 0.04 8.06 -4.02
CA GLU A 23 -0.65 7.65 -5.27
C GLU A 23 -0.28 6.19 -5.63
N LYS A 24 1.03 5.91 -5.61
CA LYS A 24 1.56 4.58 -5.93
C LYS A 24 1.34 3.60 -4.76
N VAL A 25 1.42 4.09 -3.49
CA VAL A 25 1.23 3.22 -2.29
C VAL A 25 -0.20 2.66 -2.26
N GLU A 26 -1.20 3.54 -2.41
CA GLU A 26 -2.63 3.19 -2.49
C GLU A 26 -2.88 2.22 -3.66
N LYS A 27 -2.13 2.43 -4.76
CA LYS A 27 -2.23 1.64 -6.00
C LYS A 27 -1.75 0.19 -5.79
N ILE A 28 -0.50 0.05 -5.29
CA ILE A 28 0.19 -1.25 -5.18
C ILE A 28 -0.47 -2.14 -4.12
N VAL A 29 -0.91 -1.52 -2.99
CA VAL A 29 -1.58 -2.27 -1.92
C VAL A 29 -2.95 -2.78 -2.40
N GLU A 30 -3.70 -1.89 -3.11
CA GLU A 30 -5.01 -2.23 -3.71
C GLU A 30 -4.87 -3.43 -4.66
N GLU A 31 -3.77 -3.43 -5.43
CA GLU A 31 -3.53 -4.42 -6.49
C GLU A 31 -3.25 -5.83 -5.90
N LEU A 32 -2.31 -5.91 -4.93
CA LEU A 32 -1.91 -7.20 -4.30
C LEU A 32 -3.05 -7.77 -3.43
N LEU A 33 -3.91 -6.88 -2.88
CA LEU A 33 -5.14 -7.28 -2.18
C LEU A 33 -6.17 -7.84 -3.19
N ARG A 34 -6.26 -7.20 -4.36
CA ARG A 34 -7.24 -7.51 -5.41
C ARG A 34 -6.90 -8.83 -6.15
N ARG A 35 -5.63 -9.26 -6.02
CA ARG A 35 -5.15 -10.52 -6.63
C ARG A 35 -5.37 -11.74 -5.69
N GLY A 36 -6.33 -11.64 -4.75
CA GLY A 36 -6.77 -12.79 -3.94
C GLY A 36 -6.39 -12.69 -2.46
N TYR A 37 -5.58 -11.65 -2.12
CA TYR A 37 -5.08 -11.32 -0.77
C TYR A 37 -4.81 -12.56 0.16
N SER A 38 -3.56 -13.01 0.24
CA SER A 38 -3.14 -14.09 1.18
C SER A 38 -2.19 -13.48 2.21
N GLU A 39 -2.23 -13.99 3.46
CA GLU A 39 -1.58 -13.36 4.63
C GLU A 39 -0.06 -13.25 4.45
N GLU A 40 0.59 -14.41 4.22
CA GLU A 40 2.05 -14.47 4.05
C GLU A 40 2.46 -13.73 2.77
N ASP A 41 1.70 -14.01 1.69
CA ASP A 41 1.95 -13.45 0.34
C ASP A 41 2.03 -11.91 0.33
N ILE A 42 1.01 -11.26 0.94
CA ILE A 42 0.95 -9.79 1.12
C ILE A 42 2.19 -9.31 1.89
N ARG A 43 2.40 -9.90 3.08
CA ARG A 43 3.45 -9.47 4.02
C ARG A 43 4.86 -9.64 3.42
N ARG A 44 5.01 -10.56 2.44
CA ARG A 44 6.28 -10.75 1.70
C ARG A 44 6.53 -9.57 0.73
N TYR A 45 5.46 -9.14 0.03
CA TYR A 45 5.52 -7.98 -0.89
C TYR A 45 6.01 -6.73 -0.16
N LEU A 46 5.23 -6.32 0.87
CA LEU A 46 5.45 -5.07 1.60
C LEU A 46 6.81 -5.07 2.32
N LYS A 47 7.18 -6.22 2.93
CA LYS A 47 8.42 -6.33 3.73
C LYS A 47 9.66 -6.02 2.86
N LYS A 48 9.69 -6.62 1.66
CA LYS A 48 10.77 -6.41 0.68
C LYS A 48 10.74 -4.96 0.15
N GLN A 49 9.53 -4.41 -0.02
CA GLN A 49 9.32 -3.01 -0.46
C GLN A 49 9.68 -1.99 0.65
N GLY A 50 9.92 -2.48 1.89
CA GLY A 50 10.36 -1.65 3.02
C GLY A 50 9.22 -1.21 3.92
N ILE A 51 7.98 -1.47 3.49
CA ILE A 51 6.76 -1.15 4.24
C ILE A 51 6.45 -2.30 5.22
N ASP A 52 6.43 -2.01 6.53
CA ASP A 52 6.13 -3.03 7.57
C ASP A 52 4.62 -3.33 7.64
N ASP A 53 4.27 -4.41 8.36
CA ASP A 53 2.87 -4.88 8.47
C ASP A 53 1.98 -3.82 9.12
N ARG A 54 2.54 -3.13 10.12
CA ARG A 54 1.84 -2.09 10.90
C ARG A 54 1.67 -0.77 10.09
N GLU A 55 2.58 -0.54 9.11
CA GLU A 55 2.54 0.64 8.24
C GLU A 55 1.34 0.55 7.28
N VAL A 56 1.26 -0.61 6.60
CA VAL A 56 0.19 -0.91 5.65
C VAL A 56 -1.14 -1.20 6.38
N ASP A 57 -1.04 -1.69 7.64
CA ASP A 57 -2.22 -1.95 8.50
C ASP A 57 -3.02 -0.65 8.74
N ARG A 58 -2.32 0.39 9.25
CA ARG A 58 -2.96 1.69 9.61
C ARG A 58 -3.45 2.44 8.35
N ALA A 59 -2.86 2.10 7.19
CA ALA A 59 -3.27 2.67 5.89
C ALA A 59 -4.64 2.09 5.45
N ILE A 60 -4.80 0.76 5.61
CA ILE A 60 -6.06 0.05 5.30
C ILE A 60 -7.10 0.23 6.43
N LYS A 61 -6.60 0.57 7.64
CA LYS A 61 -7.44 0.91 8.83
C LYS A 61 -8.10 2.28 8.63
N LYS A 62 -7.45 3.11 7.78
CA LYS A 62 -7.99 4.38 7.33
C LYS A 62 -9.11 4.17 6.29
N VAL A 63 -9.01 3.08 5.51
CA VAL A 63 -9.97 2.79 4.42
C VAL A 63 -11.25 2.11 4.97
N GLY A 64 -11.05 1.14 5.87
CA GLY A 64 -12.14 0.33 6.41
C GLY A 64 -11.93 -0.02 7.88
#